data_5JW5
#
_entry.id   5JW5
#
_cell.length_a   65.220
_cell.length_b   109.920
_cell.length_c   139.890
_cell.angle_alpha   90.000
_cell.angle_beta   90.000
_cell.angle_gamma   90.000
#
_symmetry.space_group_name_H-M   'P 21 21 21'
#
loop_
_entity.id
_entity.type
_entity.pdbx_description
1 polymer 'MEDI8852 Heavy chain'
2 polymer 'MEDI8852 Light chain'
3 non-polymer 'PHOSPHATE ION'
4 water water
#
loop_
_entity_poly.entity_id
_entity_poly.type
_entity_poly.pdbx_seq_one_letter_code
_entity_poly.pdbx_strand_id
1 'polypeptide(L)'
;QVQLQQSGPGLVKPSQTLSLTCAISGDSVSSYNAVWNWIRQSPSRGLEWLGRTYYRSGWYNDYAESVKSRITINPDTSKN
QFSLQLNSVTPEDTAVYYCARSGHITVFGVNVDAFDMWGQGTMVTVSSASTKGPSVFPLAPSSKSTGTAALGCLVKDYFP
EPVTVSWNSGALTSGVHTFPAVLQSSGLYSLSSVVTVPSSSLGTQTYICNVNHKPSNTKVDKKVEPK
;
H,A
2 'polypeptide(L)'
;DIQMTQSPSSLSASVGDRVTITCRTSQSLSSYTHWYQQKPGKAPKLLIYAASSRGSGVPSRFSGSGSGTDFTLTISSLQP
EDFATYYCQQSRTFGQGTKVEIKRTVAAPSVFIFPPSDEQLKSGTASVVCLLNNFYPREAKVQWKVDNALQSGNSQESVT
EQDSKDSTYSLSSTLTLSKADYEKHKVYACEVTHQGLSSPVTKSFNRGEC
;
L,B
#
loop_
_chem_comp.id
_chem_comp.type
_chem_comp.name
_chem_comp.formula
PO4 non-polymer 'PHOSPHATE ION' 'O4 P -3'
#
# COMPACT_ATOMS: atom_id res chain seq x y z
N GLN A 1 2.41 14.97 32.16
CA GLN A 1 1.74 13.90 31.38
C GLN A 1 2.74 12.88 30.82
N VAL A 2 2.22 11.87 30.15
N VAL A 2 2.23 11.86 30.15
CA VAL A 2 3.01 10.79 29.57
CA VAL A 2 3.08 10.82 29.61
C VAL A 2 3.66 11.21 28.27
C VAL A 2 3.69 11.23 28.27
N GLN A 3 4.93 10.80 28.06
CA GLN A 3 5.61 10.96 26.78
C GLN A 3 6.11 9.63 26.23
N LEU A 4 6.00 9.43 24.93
CA LEU A 4 6.38 8.18 24.29
C LEU A 4 7.40 8.51 23.19
N GLN A 5 8.61 7.99 23.34
CA GLN A 5 9.72 8.27 22.45
C GLN A 5 10.12 7.03 21.70
N GLN A 6 9.92 7.07 20.37
CA GLN A 6 10.17 5.93 19.51
C GLN A 6 11.55 5.98 18.97
N SER A 7 12.11 4.80 18.72
CA SER A 7 13.39 4.75 18.04
C SER A 7 13.51 3.42 17.31
N GLY A 8 14.50 3.35 16.44
CA GLY A 8 14.74 2.14 15.64
C GLY A 8 14.85 2.49 14.17
N PRO A 9 15.55 1.64 13.42
CA PRO A 9 15.78 1.93 12.00
C PRO A 9 14.49 1.98 11.14
N GLY A 10 14.48 2.92 10.19
CA GLY A 10 13.38 3.10 9.24
C GLY A 10 13.57 2.39 7.90
N LEU A 11 14.60 1.55 7.77
CA LEU A 11 14.79 0.76 6.57
C LEU A 11 15.02 -0.71 6.90
N VAL A 12 14.23 -1.59 6.31
CA VAL A 12 14.32 -3.04 6.55
C VAL A 12 14.32 -3.73 5.20
N LYS A 13 15.21 -4.68 4.96
CA LYS A 13 15.22 -5.41 3.72
C LYS A 13 14.05 -6.41 3.66
N PRO A 14 13.47 -6.66 2.47
CA PRO A 14 12.40 -7.67 2.42
C PRO A 14 12.88 -9.01 2.96
N SER A 15 11.97 -9.68 3.70
CA SER A 15 12.22 -10.94 4.36
C SER A 15 12.92 -10.82 5.71
N GLN A 16 13.43 -9.67 6.10
CA GLN A 16 14.17 -9.53 7.36
C GLN A 16 13.25 -8.95 8.43
N THR A 17 13.83 -8.57 9.57
CA THR A 17 13.06 -8.24 10.74
C THR A 17 13.03 -6.72 11.02
N LEU A 18 11.83 -6.20 11.26
N LEU A 18 11.83 -6.21 11.25
CA LEU A 18 11.63 -4.83 11.70
CA LEU A 18 11.65 -4.85 11.72
C LEU A 18 11.68 -4.83 13.23
C LEU A 18 11.70 -4.85 13.24
N SER A 19 12.48 -3.93 13.80
CA SER A 19 12.63 -3.82 15.26
C SER A 19 12.53 -2.36 15.69
N LEU A 20 11.50 -2.01 16.46
CA LEU A 20 11.33 -0.67 16.97
C LEU A 20 11.16 -0.71 18.49
N THR A 21 11.43 0.43 19.13
N THR A 21 11.45 0.42 19.15
CA THR A 21 11.31 0.56 20.57
CA THR A 21 11.32 0.55 20.59
C THR A 21 10.54 1.85 20.89
C THR A 21 10.56 1.84 20.91
N CYS A 22 9.74 1.79 21.95
CA CYS A 22 9.06 2.96 22.51
C CYS A 22 9.54 3.10 23.95
N ALA A 23 10.17 4.23 24.30
CA ALA A 23 10.62 4.53 25.67
C ALA A 23 9.58 5.43 26.34
N ILE A 24 9.08 4.99 27.48
CA ILE A 24 8.03 5.68 28.21
C ILE A 24 8.62 6.60 29.30
N SER A 25 8.09 7.81 29.41
N SER A 25 8.09 7.82 29.40
CA SER A 25 8.36 8.69 30.56
CA SER A 25 8.37 8.71 30.55
C SER A 25 7.03 9.16 31.12
C SER A 25 7.05 9.16 31.11
N GLY A 26 6.91 9.13 32.44
CA GLY A 26 5.72 9.60 33.15
C GLY A 26 4.70 8.52 33.49
N ASP A 27 5.03 7.26 33.22
CA ASP A 27 4.19 6.16 33.62
C ASP A 27 5.11 4.93 33.59
N SER A 28 4.63 3.82 34.11
CA SER A 28 5.38 2.57 34.16
C SER A 28 4.85 1.61 33.09
N VAL A 29 5.76 0.98 32.36
CA VAL A 29 5.39 -0.10 31.44
C VAL A 29 4.55 -1.19 32.14
N SER A 30 4.79 -1.42 33.43
CA SER A 30 4.09 -2.46 34.15
C SER A 30 2.91 -1.93 34.94
N SER A 31 2.45 -0.70 34.68
CA SER A 31 1.31 -0.13 35.39
C SER A 31 0.05 -0.93 35.14
N TYR A 32 -0.73 -1.03 36.21
CA TYR A 32 -2.02 -1.68 36.21
C TYR A 32 -3.08 -0.88 35.44
N ASN A 33 -2.86 0.42 35.24
CA ASN A 33 -3.79 1.27 34.55
C ASN A 33 -3.25 1.74 33.17
N ALA A 34 -2.50 0.87 32.52
CA ALA A 34 -1.98 1.15 31.19
C ALA A 34 -1.96 -0.09 30.35
N VAL A 35 -2.09 0.12 29.03
CA VAL A 35 -1.95 -0.88 27.99
C VAL A 35 -1.09 -0.23 26.91
N TRP A 36 -0.09 -0.96 26.45
CA TRP A 36 0.91 -0.43 25.55
C TRP A 36 0.75 -1.08 24.17
N ASN A 37 0.46 -0.26 23.17
CA ASN A 37 0.04 -0.70 21.82
C ASN A 37 0.98 -0.24 20.74
N TRP A 38 0.99 -0.99 19.64
CA TRP A 38 1.55 -0.58 18.38
C TRP A 38 0.44 -0.53 17.33
N ILE A 39 0.49 0.52 16.52
CA ILE A 39 -0.48 0.84 15.49
C ILE A 39 0.34 1.32 14.29
N ARG A 40 -0.06 0.94 13.08
CA ARG A 40 0.60 1.48 11.92
C ARG A 40 -0.41 2.19 11.00
N GLN A 41 0.14 3.03 10.12
CA GLN A 41 -0.67 3.81 9.23
C GLN A 41 0.00 3.88 7.87
N SER A 42 -0.78 3.61 6.84
CA SER A 42 -0.28 3.75 5.46
C SER A 42 -1.39 4.36 4.64
N PRO A 43 -1.04 5.12 3.58
CA PRO A 43 -2.04 5.84 2.79
C PRO A 43 -3.21 4.97 2.32
N SER A 44 -2.87 3.74 1.93
CA SER A 44 -3.82 2.79 1.41
C SER A 44 -4.65 2.16 2.52
N ARG A 45 -3.96 1.57 3.49
CA ARG A 45 -4.57 0.73 4.53
C ARG A 45 -5.16 1.52 5.72
N GLY A 46 -4.92 2.84 5.79
CA GLY A 46 -5.37 3.66 6.92
C GLY A 46 -4.68 3.26 8.20
N LEU A 47 -5.37 3.46 9.33
CA LEU A 47 -4.87 3.08 10.65
C LEU A 47 -5.16 1.63 11.02
N GLU A 48 -4.13 0.90 11.41
CA GLU A 48 -4.25 -0.52 11.71
C GLU A 48 -3.58 -0.88 13.03
N TRP A 49 -4.37 -1.36 13.99
CA TRP A 49 -3.81 -1.80 15.30
C TRP A 49 -3.10 -3.12 15.12
N LEU A 50 -1.89 -3.24 15.65
CA LEU A 50 -1.07 -4.44 15.50
C LEU A 50 -1.03 -5.38 16.70
N GLY A 51 -0.98 -4.80 17.88
CA GLY A 51 -0.86 -5.61 19.07
C GLY A 51 -0.61 -4.78 20.30
N ARG A 52 -0.55 -5.47 21.42
CA ARG A 52 -0.33 -4.84 22.70
C ARG A 52 0.31 -5.78 23.74
N THR A 53 0.85 -5.14 24.76
CA THR A 53 1.31 -5.81 25.96
C THR A 53 0.89 -4.99 27.18
N TYR A 54 0.64 -5.70 28.28
CA TYR A 54 0.21 -5.11 29.58
C TYR A 54 0.43 -6.09 30.74
N TYR A 55 0.56 -5.55 31.94
CA TYR A 55 0.84 -6.32 33.14
C TYR A 55 -0.34 -6.25 34.07
N ARG A 56 -0.88 -7.42 34.41
CA ARG A 56 -1.94 -7.55 35.44
C ARG A 56 -1.59 -8.78 36.28
N SER A 57 -0.71 -8.61 37.25
CA SER A 57 -0.14 -9.74 38.01
C SER A 57 0.42 -10.82 37.05
N GLY A 58 1.07 -10.36 35.99
CA GLY A 58 1.70 -11.21 34.99
C GLY A 58 1.53 -10.54 33.64
N TRP A 59 2.45 -10.81 32.74
CA TRP A 59 2.43 -10.17 31.42
C TRP A 59 1.44 -10.84 30.46
N TYR A 60 0.72 -10.01 29.71
CA TYR A 60 -0.17 -10.48 28.63
C TYR A 60 0.21 -9.81 27.31
N ASN A 61 -0.04 -10.51 26.20
CA ASN A 61 0.12 -10.00 24.84
C ASN A 61 -1.09 -10.39 24.00
N ASP A 62 -1.55 -9.50 23.13
CA ASP A 62 -2.61 -9.79 22.14
C ASP A 62 -2.13 -9.21 20.84
N TYR A 63 -2.37 -9.90 19.74
CA TYR A 63 -1.92 -9.46 18.43
C TYR A 63 -3.06 -9.51 17.40
N ALA A 64 -2.96 -8.63 16.42
CA ALA A 64 -3.89 -8.66 15.27
C ALA A 64 -3.71 -9.93 14.45
N GLU A 65 -4.83 -10.49 14.00
CA GLU A 65 -4.81 -11.69 13.15
C GLU A 65 -3.90 -11.57 11.95
N SER A 66 -3.89 -10.39 11.31
CA SER A 66 -3.06 -10.16 10.11
C SER A 66 -1.55 -10.31 10.31
N VAL A 67 -1.05 -10.08 11.52
CA VAL A 67 0.39 -10.14 11.80
C VAL A 67 0.79 -11.17 12.84
N LYS A 68 -0.18 -11.91 13.37
CA LYS A 68 0.03 -12.75 14.56
C LYS A 68 1.21 -13.72 14.45
N SER A 69 1.41 -14.31 13.29
CA SER A 69 2.47 -15.29 13.11
C SER A 69 3.88 -14.68 13.05
N ARG A 70 3.99 -13.36 12.89
CA ARG A 70 5.27 -12.70 12.68
C ARG A 70 5.67 -11.68 13.74
N ILE A 71 4.82 -11.47 14.73
CA ILE A 71 4.95 -10.29 15.59
C ILE A 71 5.28 -10.70 17.02
N THR A 72 6.12 -9.92 17.67
CA THR A 72 6.36 -10.01 19.11
C THR A 72 6.40 -8.60 19.69
N ILE A 73 5.74 -8.40 20.83
CA ILE A 73 5.79 -7.13 21.56
C ILE A 73 6.22 -7.44 22.98
N ASN A 74 7.43 -6.99 23.35
CA ASN A 74 8.04 -7.32 24.65
C ASN A 74 8.28 -6.06 25.51
N PRO A 75 7.95 -6.13 26.81
CA PRO A 75 8.29 -5.06 27.74
C PRO A 75 9.74 -5.18 28.20
N ASP A 76 10.37 -4.05 28.51
CA ASP A 76 11.67 -4.02 29.19
C ASP A 76 11.50 -3.19 30.46
N THR A 77 11.45 -3.85 31.62
CA THR A 77 11.18 -3.16 32.87
C THR A 77 12.46 -2.50 33.46
N SER A 78 13.64 -2.77 32.89
CA SER A 78 14.87 -2.03 33.27
C SER A 78 14.94 -0.64 32.68
N LYS A 79 14.50 -0.49 31.44
CA LYS A 79 14.59 0.75 30.73
C LYS A 79 13.24 1.45 30.55
N ASN A 80 12.17 0.87 31.10
CA ASN A 80 10.81 1.37 30.94
C ASN A 80 10.45 1.57 29.46
N GLN A 81 10.60 0.51 28.68
N GLN A 81 10.59 0.51 28.68
CA GLN A 81 10.27 0.54 27.27
CA GLN A 81 10.33 0.50 27.26
C GLN A 81 9.53 -0.73 26.87
C GLN A 81 9.53 -0.73 26.87
N PHE A 82 9.00 -0.72 25.65
CA PHE A 82 8.45 -1.89 25.02
C PHE A 82 8.78 -1.87 23.52
N SER A 83 8.97 -3.06 22.97
CA SER A 83 9.49 -3.22 21.62
C SER A 83 8.41 -3.76 20.69
N LEU A 84 8.67 -3.60 19.40
CA LEU A 84 7.95 -4.27 18.36
C LEU A 84 8.98 -5.01 17.53
N GLN A 85 8.72 -6.29 17.29
CA GLN A 85 9.50 -7.07 16.37
C GLN A 85 8.52 -7.68 15.36
N LEU A 86 8.76 -7.45 14.08
CA LEU A 86 7.91 -8.00 13.01
C LEU A 86 8.82 -8.71 12.01
N ASN A 87 8.70 -10.01 11.97
CA ASN A 87 9.54 -10.84 11.12
C ASN A 87 9.05 -10.91 9.69
N SER A 88 9.94 -11.35 8.80
CA SER A 88 9.60 -11.69 7.41
C SER A 88 8.80 -10.59 6.72
N VAL A 89 9.32 -9.37 6.78
CA VAL A 89 8.59 -8.24 6.26
C VAL A 89 8.49 -8.24 4.76
N THR A 90 7.41 -7.67 4.26
CA THR A 90 7.21 -7.51 2.81
C THR A 90 6.85 -6.07 2.53
N PRO A 91 6.73 -5.71 1.24
CA PRO A 91 6.39 -4.31 0.93
C PRO A 91 5.09 -3.81 1.54
N GLU A 92 4.15 -4.73 1.78
N GLU A 92 4.15 -4.72 1.79
CA GLU A 92 2.90 -4.38 2.47
CA GLU A 92 2.91 -4.36 2.47
C GLU A 92 3.10 -3.86 3.89
C GLU A 92 3.11 -3.86 3.89
N ASP A 93 4.28 -4.08 4.50
CA ASP A 93 4.59 -3.60 5.84
C ASP A 93 5.17 -2.17 5.88
N THR A 94 5.39 -1.56 4.72
CA THR A 94 5.83 -0.16 4.63
C THR A 94 4.72 0.75 5.17
N ALA A 95 5.04 1.53 6.18
CA ALA A 95 4.06 2.31 6.94
C ALA A 95 4.74 3.19 7.98
N VAL A 96 3.98 4.10 8.56
CA VAL A 96 4.43 4.79 9.78
C VAL A 96 3.94 3.96 10.96
N TYR A 97 4.85 3.62 11.88
CA TYR A 97 4.51 2.85 13.09
C TYR A 97 4.44 3.79 14.28
N TYR A 98 3.35 3.71 15.03
CA TYR A 98 3.12 4.46 16.24
C TYR A 98 2.98 3.54 17.44
N CYS A 99 3.59 3.93 18.55
CA CYS A 99 3.23 3.35 19.83
C CYS A 99 2.16 4.24 20.45
N ALA A 100 1.34 3.66 21.34
CA ALA A 100 0.34 4.42 22.03
C ALA A 100 -0.11 3.75 23.33
N ARG A 101 -0.50 4.55 24.30
CA ARG A 101 -1.09 4.07 25.53
C ARG A 101 -2.59 4.07 25.38
N SER A 102 -3.21 2.98 25.82
CA SER A 102 -4.63 2.96 26.05
C SER A 102 -4.92 2.49 27.46
N GLY A 103 -6.19 2.41 27.81
CA GLY A 103 -6.61 1.78 29.05
C GLY A 103 -6.27 2.57 30.29
N HIS A 104 -5.99 3.86 30.11
CA HIS A 104 -5.62 4.76 31.21
C HIS A 104 -6.71 5.76 31.54
N ILE A 105 -7.34 6.36 30.54
CA ILE A 105 -8.48 7.26 30.74
C ILE A 105 -9.64 6.46 31.31
N THR A 106 -10.43 7.08 32.18
CA THR A 106 -11.55 6.43 32.82
C THR A 106 -12.86 7.18 32.58
N VAL A 107 -13.96 6.43 32.51
CA VAL A 107 -15.29 6.98 32.46
C VAL A 107 -16.09 6.25 33.51
N PHE A 108 -16.64 7.00 34.45
CA PHE A 108 -17.25 6.40 35.67
C PHE A 108 -16.37 5.30 36.27
N GLY A 109 -15.06 5.58 36.31
CA GLY A 109 -14.13 4.69 36.97
C GLY A 109 -13.64 3.52 36.13
N VAL A 110 -14.17 3.36 34.94
CA VAL A 110 -13.84 2.22 34.10
C VAL A 110 -12.78 2.68 33.12
N ASN A 111 -11.64 1.99 33.13
CA ASN A 111 -10.55 2.23 32.19
C ASN A 111 -11.02 1.93 30.78
N VAL A 112 -10.80 2.85 29.82
CA VAL A 112 -11.38 2.69 28.49
C VAL A 112 -10.27 2.55 27.44
N ASP A 113 -10.64 1.89 26.36
CA ASP A 113 -9.69 1.54 25.31
C ASP A 113 -9.43 2.70 24.34
N ALA A 114 -9.29 3.94 24.83
CA ALA A 114 -8.95 5.07 24.00
C ALA A 114 -7.46 5.23 24.03
N PHE A 115 -6.88 5.57 22.87
CA PHE A 115 -5.44 5.77 22.75
C PHE A 115 -5.11 7.22 23.10
N ASP A 116 -4.79 7.44 24.37
CA ASP A 116 -4.76 8.80 24.89
C ASP A 116 -3.48 9.52 24.61
N MET A 117 -2.40 8.79 24.39
CA MET A 117 -1.16 9.41 23.98
C MET A 117 -0.44 8.51 23.02
N TRP A 118 0.20 9.14 22.03
CA TRP A 118 0.83 8.46 20.95
C TRP A 118 2.28 8.94 20.85
N GLY A 119 3.17 8.07 20.42
CA GLY A 119 4.50 8.49 20.06
C GLY A 119 4.51 9.21 18.73
N GLN A 120 5.68 9.71 18.33
CA GLN A 120 5.79 10.59 17.18
C GLN A 120 5.71 9.86 15.82
N GLY A 121 5.84 8.55 15.82
CA GLY A 121 5.85 7.73 14.59
C GLY A 121 7.25 7.48 14.10
N THR A 122 7.46 6.27 13.57
CA THR A 122 8.69 5.93 12.86
C THR A 122 8.24 5.50 11.46
N MET A 123 8.77 6.16 10.45
N MET A 123 8.76 6.16 10.42
CA MET A 123 8.51 5.76 9.07
CA MET A 123 8.49 5.74 9.03
C MET A 123 9.38 4.54 8.75
C MET A 123 9.38 4.53 8.74
N VAL A 124 8.77 3.41 8.36
CA VAL A 124 9.53 2.20 8.01
C VAL A 124 9.29 1.87 6.54
N THR A 125 10.38 1.73 5.81
CA THR A 125 10.36 1.44 4.40
C THR A 125 10.96 0.06 4.22
N VAL A 126 10.20 -0.84 3.58
CA VAL A 126 10.74 -2.17 3.26
C VAL A 126 11.32 -2.10 1.84
N SER A 127 12.63 -2.19 1.73
CA SER A 127 13.30 -2.06 0.43
C SER A 127 14.68 -2.66 0.48
N SER A 128 15.14 -3.18 -0.64
CA SER A 128 16.50 -3.70 -0.72
C SER A 128 17.54 -2.58 -1.00
N ALA A 129 17.10 -1.38 -1.35
CA ALA A 129 18.05 -0.29 -1.71
C ALA A 129 18.84 0.20 -0.49
N SER A 130 20.05 0.69 -0.72
CA SER A 130 20.88 1.23 0.37
C SER A 130 20.47 2.64 0.80
N THR A 131 20.85 3.00 2.01
CA THR A 131 20.59 4.32 2.53
C THR A 131 21.49 5.27 1.77
N LYS A 132 20.96 6.46 1.48
CA LYS A 132 21.74 7.54 0.88
C LYS A 132 21.33 8.88 1.48
N GLY A 133 22.29 9.64 1.96
CA GLY A 133 22.07 10.98 2.45
C GLY A 133 21.87 11.99 1.33
N PRO A 134 21.18 13.08 1.62
CA PRO A 134 20.85 14.05 0.59
C PRO A 134 22.00 14.98 0.28
N SER A 135 22.02 15.50 -0.94
CA SER A 135 22.75 16.71 -1.29
C SER A 135 21.81 17.90 -1.05
N VAL A 136 22.34 18.98 -0.51
CA VAL A 136 21.55 20.19 -0.24
C VAL A 136 22.06 21.39 -1.01
N PHE A 137 21.22 21.98 -1.84
CA PHE A 137 21.57 23.09 -2.67
C PHE A 137 20.67 24.30 -2.32
N PRO A 138 21.22 25.51 -2.39
CA PRO A 138 20.46 26.73 -2.11
C PRO A 138 19.51 27.08 -3.27
N LEU A 139 18.33 27.57 -2.90
CA LEU A 139 17.42 28.26 -3.82
C LEU A 139 17.48 29.74 -3.46
N ALA A 140 18.31 30.48 -4.20
CA ALA A 140 18.73 31.84 -3.80
C ALA A 140 17.65 32.89 -4.09
N PRO A 141 17.45 33.86 -3.20
CA PRO A 141 16.54 34.97 -3.58
C PRO A 141 17.22 35.81 -4.68
N SER A 142 16.51 36.10 -5.77
CA SER A 142 17.06 36.93 -6.88
C SER A 142 16.60 38.38 -6.73
N SER A 143 16.92 39.22 -7.72
CA SER A 143 16.29 40.55 -7.84
C SER A 143 16.23 40.98 -9.30
N GLY A 147 7.65 43.62 -1.97
CA GLY A 147 8.70 43.61 -0.97
C GLY A 147 8.92 42.29 -0.23
N THR A 148 8.49 41.19 -0.84
CA THR A 148 8.69 39.86 -0.28
C THR A 148 9.65 39.08 -1.13
N ALA A 149 10.61 38.45 -0.47
CA ALA A 149 11.54 37.55 -1.14
C ALA A 149 11.34 36.09 -0.73
N ALA A 150 11.52 35.19 -1.69
CA ALA A 150 11.45 33.79 -1.43
C ALA A 150 12.85 33.20 -1.54
N LEU A 151 13.17 32.34 -0.61
CA LEU A 151 14.38 31.57 -0.66
C LEU A 151 14.15 30.17 -0.21
N GLY A 152 15.11 29.28 -0.44
CA GLY A 152 14.91 27.89 -0.02
C GLY A 152 16.11 27.00 -0.16
N CYS A 153 15.88 25.73 0.09
CA CYS A 153 16.89 24.68 -0.01
C CYS A 153 16.29 23.52 -0.79
N LEU A 154 17.04 23.03 -1.78
CA LEU A 154 16.67 21.82 -2.53
C LEU A 154 17.42 20.64 -1.91
N VAL A 155 16.65 19.65 -1.43
CA VAL A 155 17.17 18.50 -0.74
C VAL A 155 17.05 17.32 -1.67
N LYS A 156 18.15 16.97 -2.31
CA LYS A 156 18.10 16.08 -3.47
C LYS A 156 18.80 14.72 -3.26
N ASP A 157 18.15 13.66 -3.77
CA ASP A 157 18.74 12.33 -3.97
C ASP A 157 19.04 11.60 -2.67
N TYR A 158 17.99 11.37 -1.87
CA TYR A 158 18.15 10.65 -0.64
C TYR A 158 17.23 9.42 -0.60
N PHE A 159 17.56 8.52 0.30
CA PHE A 159 16.78 7.29 0.54
C PHE A 159 17.13 6.71 1.92
N PRO A 160 16.10 6.24 2.67
CA PRO A 160 14.66 6.34 2.44
C PRO A 160 14.11 7.66 3.01
N GLU A 161 12.80 7.81 3.03
N GLU A 161 12.79 7.81 3.03
CA GLU A 161 12.14 8.88 3.80
CA GLU A 161 12.14 8.88 3.80
C GLU A 161 12.33 8.63 5.29
C GLU A 161 12.31 8.62 5.30
N PRO A 162 12.22 9.67 6.14
CA PRO A 162 11.97 11.06 5.86
C PRO A 162 13.22 11.93 6.00
N VAL A 163 13.09 13.16 5.55
CA VAL A 163 14.04 14.21 5.80
C VAL A 163 13.24 15.22 6.60
N THR A 164 13.85 15.93 7.53
CA THR A 164 13.21 17.07 8.19
C THR A 164 14.06 18.31 7.90
N VAL A 165 13.40 19.46 7.79
CA VAL A 165 14.10 20.71 7.50
C VAL A 165 13.63 21.74 8.50
N SER A 166 14.55 22.48 9.09
CA SER A 166 14.19 23.66 9.86
C SER A 166 15.01 24.80 9.31
N TRP A 167 14.68 26.00 9.74
CA TRP A 167 15.37 27.21 9.34
C TRP A 167 15.86 27.92 10.55
N ASN A 168 17.12 28.36 10.49
CA ASN A 168 17.76 29.05 11.60
C ASN A 168 17.61 28.35 12.97
N SER A 169 17.82 27.03 12.90
CA SER A 169 17.75 26.09 14.02
C SER A 169 16.40 26.10 14.72
N GLY A 170 15.36 26.39 13.96
CA GLY A 170 13.99 26.42 14.45
C GLY A 170 13.55 27.79 14.98
N ALA A 171 14.36 28.82 14.81
CA ALA A 171 13.95 30.18 15.10
C ALA A 171 13.00 30.75 14.06
N LEU A 172 13.14 30.33 12.81
CA LEU A 172 12.33 30.83 11.72
C LEU A 172 11.28 29.78 11.34
N THR A 173 10.03 30.06 11.65
CA THR A 173 8.90 29.14 11.37
C THR A 173 7.83 29.80 10.50
N SER A 174 7.59 31.10 10.68
CA SER A 174 6.59 31.82 9.89
C SER A 174 6.93 31.90 8.38
N GLY A 175 5.99 31.54 7.53
CA GLY A 175 6.17 31.57 6.10
C GLY A 175 7.00 30.43 5.52
N VAL A 176 7.36 29.42 6.34
CA VAL A 176 8.07 28.22 5.88
C VAL A 176 7.11 27.23 5.24
N HIS A 177 7.48 26.67 4.08
CA HIS A 177 6.78 25.54 3.48
C HIS A 177 7.79 24.48 3.12
N THR A 178 7.66 23.31 3.72
CA THR A 178 8.46 22.17 3.33
C THR A 178 7.59 21.22 2.56
N PHE A 179 7.92 21.00 1.30
CA PHE A 179 7.09 20.21 0.42
C PHE A 179 7.20 18.73 0.71
N PRO A 180 6.11 17.95 0.47
CA PRO A 180 6.23 16.49 0.42
C PRO A 180 7.27 16.05 -0.57
N ALA A 181 8.05 15.04 -0.18
CA ALA A 181 9.01 14.45 -1.07
C ALA A 181 8.36 13.80 -2.30
N VAL A 182 9.08 13.81 -3.40
CA VAL A 182 8.70 13.09 -4.60
C VAL A 182 9.73 12.01 -4.90
N LEU A 183 9.27 10.84 -5.33
CA LEU A 183 10.15 9.77 -5.72
C LEU A 183 10.50 9.95 -7.20
N GLN A 184 11.78 10.09 -7.48
CA GLN A 184 12.25 10.33 -8.82
C GLN A 184 12.43 9.01 -9.56
N SER A 185 12.66 9.06 -10.86
CA SER A 185 12.77 7.82 -11.63
C SER A 185 14.01 7.01 -11.25
N SER A 186 15.02 7.65 -10.65
CA SER A 186 16.21 6.96 -10.10
C SER A 186 15.88 6.07 -8.90
N GLY A 187 14.70 6.27 -8.31
CA GLY A 187 14.33 5.61 -7.08
C GLY A 187 14.82 6.34 -5.81
N LEU A 188 15.34 7.56 -5.97
CA LEU A 188 15.73 8.42 -4.82
C LEU A 188 14.70 9.54 -4.69
N TYR A 189 14.53 10.00 -3.48
CA TYR A 189 13.62 11.09 -3.14
C TYR A 189 14.28 12.45 -3.28
N SER A 190 13.43 13.46 -3.44
CA SER A 190 13.85 14.83 -3.44
C SER A 190 12.70 15.69 -2.88
N LEU A 191 13.06 16.77 -2.20
CA LEU A 191 12.08 17.78 -1.79
C LEU A 191 12.73 19.15 -1.71
N SER A 192 11.90 20.16 -1.59
CA SER A 192 12.38 21.53 -1.36
C SER A 192 11.70 22.07 -0.11
N SER A 193 12.39 22.97 0.55
CA SER A 193 11.82 23.77 1.64
C SER A 193 12.04 25.24 1.32
N VAL A 194 10.99 26.04 1.45
CA VAL A 194 11.06 27.43 1.07
C VAL A 194 10.55 28.29 2.20
N VAL A 195 10.97 29.55 2.18
CA VAL A 195 10.47 30.53 3.14
C VAL A 195 10.32 31.87 2.43
N THR A 196 9.26 32.59 2.74
CA THR A 196 9.14 33.97 2.31
C THR A 196 9.52 34.87 3.46
N VAL A 197 10.31 35.90 3.16
CA VAL A 197 10.81 36.86 4.14
C VAL A 197 10.77 38.27 3.53
N PRO A 198 10.84 39.32 4.37
CA PRO A 198 10.96 40.67 3.83
C PRO A 198 12.25 40.79 3.05
N SER A 199 12.18 41.33 1.84
CA SER A 199 13.36 41.55 1.03
C SER A 199 14.40 42.45 1.75
N SER A 200 13.92 43.35 2.61
CA SER A 200 14.80 44.23 3.40
C SER A 200 15.73 43.47 4.34
N SER A 201 15.27 42.34 4.85
CA SER A 201 16.07 41.57 5.78
C SER A 201 17.26 40.81 5.13
N LEU A 202 17.34 40.77 3.80
CA LEU A 202 18.34 39.94 3.13
C LEU A 202 19.80 40.38 3.37
N GLY A 203 20.04 41.67 3.49
CA GLY A 203 21.36 42.22 3.77
C GLY A 203 21.73 42.32 5.24
N THR A 204 20.81 41.92 6.13
CA THR A 204 21.07 41.91 7.59
C THR A 204 20.81 40.59 8.32
N GLN A 205 19.86 39.79 7.85
CA GLN A 205 19.51 38.54 8.49
C GLN A 205 20.15 37.41 7.70
N THR A 206 20.82 36.51 8.41
CA THR A 206 21.31 35.24 7.87
C THR A 206 20.20 34.18 7.84
N TYR A 207 20.16 33.41 6.75
CA TYR A 207 19.21 32.33 6.60
C TYR A 207 19.97 31.07 6.32
N ILE A 208 19.77 30.07 7.20
CA ILE A 208 20.38 28.77 7.10
C ILE A 208 19.28 27.68 7.19
N CYS A 209 19.25 26.76 6.24
CA CYS A 209 18.38 25.61 6.38
C CYS A 209 19.13 24.46 7.02
N ASN A 210 18.47 23.79 7.98
CA ASN A 210 19.09 22.73 8.75
C ASN A 210 18.38 21.45 8.29
N VAL A 211 19.12 20.56 7.67
CA VAL A 211 18.56 19.32 7.08
C VAL A 211 19.00 18.11 7.89
N ASN A 212 18.04 17.28 8.30
N ASN A 212 18.03 17.28 8.31
CA ASN A 212 18.30 16.08 9.06
CA ASN A 212 18.32 16.05 9.07
C ASN A 212 17.74 14.87 8.31
C ASN A 212 17.74 14.87 8.31
N HIS A 213 18.60 13.90 8.04
CA HIS A 213 18.20 12.61 7.46
C HIS A 213 18.71 11.57 8.40
N LYS A 214 17.85 11.17 9.34
CA LYS A 214 18.26 10.21 10.37
C LYS A 214 18.70 8.84 9.85
N PRO A 215 18.08 8.32 8.76
CA PRO A 215 18.53 7.00 8.33
C PRO A 215 19.99 6.92 7.88
N SER A 216 20.56 8.03 7.39
CA SER A 216 21.99 8.06 7.03
C SER A 216 22.81 8.82 8.07
N ASN A 217 22.20 9.22 9.18
CA ASN A 217 22.81 10.12 10.14
C ASN A 217 23.39 11.41 9.59
N THR A 218 22.71 11.98 8.61
CA THR A 218 23.16 13.18 7.95
C THR A 218 22.46 14.35 8.66
N LYS A 219 23.24 15.34 9.09
CA LYS A 219 22.76 16.65 9.52
C LYS A 219 23.61 17.69 8.81
N VAL A 220 22.96 18.51 8.00
CA VAL A 220 23.62 19.47 7.11
C VAL A 220 23.01 20.83 7.40
N ASP A 221 23.84 21.86 7.49
CA ASP A 221 23.37 23.26 7.53
C ASP A 221 23.84 23.98 6.27
N LYS A 222 22.94 24.61 5.54
CA LYS A 222 23.28 25.37 4.33
C LYS A 222 22.86 26.80 4.44
N LYS A 223 23.83 27.71 4.36
CA LYS A 223 23.57 29.15 4.28
C LYS A 223 23.00 29.46 2.89
N VAL A 224 21.92 30.21 2.83
CA VAL A 224 21.29 30.57 1.58
C VAL A 224 21.39 32.07 1.46
N GLU A 225 22.17 32.53 0.48
CA GLU A 225 22.39 33.97 0.31
C GLU A 225 22.03 34.41 -1.09
N PRO A 226 21.78 35.72 -1.26
CA PRO A 226 21.54 36.36 -2.57
C PRO A 226 22.49 36.02 -3.71
N LYS A 227 21.92 36.00 -4.93
CA LYS A 227 22.67 36.07 -6.19
C LYS A 227 22.09 37.19 -7.04
N ASP B 1 -14.07 -8.57 14.63
CA ASP B 1 -15.45 -8.56 14.06
C ASP B 1 -16.02 -7.12 13.90
N ILE B 2 -15.75 -6.21 14.85
CA ILE B 2 -16.36 -4.85 14.84
C ILE B 2 -15.92 -4.08 13.58
N GLN B 3 -16.88 -3.58 12.79
CA GLN B 3 -16.61 -2.66 11.65
C GLN B 3 -17.11 -1.23 11.88
N MET B 4 -16.33 -0.24 11.43
CA MET B 4 -16.58 1.19 11.60
C MET B 4 -16.65 1.85 10.21
N THR B 5 -17.78 2.46 9.86
CA THR B 5 -17.94 3.16 8.58
C THR B 5 -18.14 4.67 8.77
N GLN B 6 -17.23 5.50 8.30
CA GLN B 6 -17.32 6.98 8.41
C GLN B 6 -17.85 7.66 7.18
N SER B 7 -18.69 8.67 7.36
CA SER B 7 -19.29 9.43 6.28
C SER B 7 -19.30 10.92 6.65
N PRO B 8 -18.98 11.80 5.67
CA PRO B 8 -18.55 11.53 4.30
C PRO B 8 -17.07 11.20 4.33
N SER B 9 -16.47 10.80 3.20
CA SER B 9 -15.03 10.54 3.22
C SER B 9 -14.22 11.88 3.23
N SER B 10 -14.83 12.95 2.74
CA SER B 10 -14.27 14.29 2.90
C SER B 10 -15.34 15.35 2.77
N LEU B 11 -15.01 16.54 3.23
CA LEU B 11 -15.87 17.68 3.08
C LEU B 11 -15.10 18.97 3.09
N SER B 12 -15.73 20.00 2.53
CA SER B 12 -15.20 21.38 2.52
C SER B 12 -16.24 22.22 3.19
N ALA B 13 -15.83 23.06 4.13
CA ALA B 13 -16.76 23.98 4.76
C ALA B 13 -16.04 25.27 5.08
N SER B 14 -16.82 26.32 5.20
CA SER B 14 -16.31 27.65 5.47
C SER B 14 -16.02 27.86 6.94
N VAL B 15 -15.12 28.79 7.22
CA VAL B 15 -14.80 29.12 8.60
C VAL B 15 -16.10 29.61 9.26
N GLY B 16 -16.37 29.12 10.46
CA GLY B 16 -17.61 29.49 11.16
C GLY B 16 -18.76 28.54 10.92
N ASP B 17 -18.65 27.63 9.93
CA ASP B 17 -19.71 26.63 9.66
C ASP B 17 -19.79 25.55 10.74
N ARG B 18 -21.00 25.02 10.95
CA ARG B 18 -21.21 23.82 11.76
C ARG B 18 -20.94 22.58 10.91
N VAL B 19 -20.04 21.69 11.35
CA VAL B 19 -19.66 20.51 10.58
C VAL B 19 -20.03 19.28 11.38
N THR B 20 -20.65 18.30 10.73
CA THR B 20 -21.05 17.02 11.36
C THR B 20 -20.49 15.80 10.58
N ILE B 21 -19.76 14.94 11.28
N ILE B 21 -19.75 14.94 11.27
CA ILE B 21 -19.20 13.69 10.71
CA ILE B 21 -19.20 13.69 10.72
C ILE B 21 -19.86 12.54 11.42
C ILE B 21 -19.86 12.54 11.44
N THR B 22 -20.16 11.48 10.70
N THR B 22 -20.14 11.46 10.70
CA THR B 22 -20.85 10.32 11.25
CA THR B 22 -20.82 10.33 11.26
C THR B 22 -19.97 9.07 11.19
C THR B 22 -19.96 9.07 11.18
N CYS B 23 -20.13 8.20 12.17
CA CYS B 23 -19.51 6.90 12.21
C CYS B 23 -20.61 5.90 12.52
N ARG B 24 -20.72 4.84 11.72
CA ARG B 24 -21.70 3.77 11.94
C ARG B 24 -20.98 2.42 12.20
N THR B 25 -21.29 1.83 13.37
CA THR B 25 -20.70 0.57 13.78
C THR B 25 -21.55 -0.56 13.28
N SER B 26 -20.92 -1.71 13.19
N SER B 26 -20.96 -1.74 13.15
CA SER B 26 -21.63 -2.95 12.98
CA SER B 26 -21.69 -2.88 12.60
C SER B 26 -20.90 -4.07 13.72
C SER B 26 -21.98 -3.97 13.62
N GLN B 27 -21.69 -5.01 14.26
N GLN B 27 -20.93 -4.65 14.09
CA GLN B 27 -21.19 -6.15 15.08
CA GLN B 27 -21.06 -5.86 14.93
C GLN B 27 -20.57 -5.68 16.43
C GLN B 27 -20.55 -5.62 16.37
N SER B 28 -21.16 -4.64 17.03
CA SER B 28 -20.74 -4.14 18.36
C SER B 28 -21.96 -3.80 19.24
N LEU B 29 -21.86 -4.13 20.53
CA LEU B 29 -22.83 -3.69 21.55
C LEU B 29 -22.30 -2.52 22.39
N SER B 30 -21.06 -2.11 22.14
CA SER B 30 -20.40 -1.08 22.93
C SER B 30 -20.76 0.32 22.44
N SER B 31 -20.90 1.26 23.37
CA SER B 31 -21.10 2.66 23.05
C SER B 31 -19.80 3.48 23.16
N TYR B 32 -18.67 2.80 23.37
CA TYR B 32 -17.40 3.51 23.58
C TYR B 32 -16.64 3.70 22.28
N THR B 33 -17.17 4.65 21.53
CA THR B 33 -16.55 5.15 20.32
C THR B 33 -15.69 6.35 20.67
N HIS B 34 -14.48 6.37 20.14
CA HIS B 34 -13.52 7.43 20.37
C HIS B 34 -13.22 8.07 19.05
N TRP B 35 -12.83 9.33 19.10
CA TRP B 35 -12.47 10.08 17.92
C TRP B 35 -11.10 10.70 18.07
N TYR B 36 -10.40 10.79 16.95
CA TYR B 36 -9.04 11.31 16.86
C TYR B 36 -8.96 12.34 15.76
N GLN B 37 -8.08 13.31 15.94
CA GLN B 37 -7.80 14.31 14.96
C GLN B 37 -6.35 14.16 14.57
N GLN B 38 -6.07 14.15 13.29
CA GLN B 38 -4.70 14.04 12.81
C GLN B 38 -4.38 15.15 11.79
N LYS B 39 -3.39 15.96 12.15
CA LYS B 39 -2.91 17.05 11.32
C LYS B 39 -1.71 16.58 10.56
N PRO B 40 -1.38 17.21 9.41
CA PRO B 40 -0.30 16.73 8.55
C PRO B 40 1.04 16.59 9.25
N GLY B 41 1.67 15.43 9.08
CA GLY B 41 2.98 15.15 9.70
C GLY B 41 2.97 14.87 11.19
N LYS B 42 1.81 14.71 11.81
CA LYS B 42 1.70 14.52 13.26
C LYS B 42 0.98 13.24 13.56
N ALA B 43 1.18 12.71 14.76
CA ALA B 43 0.38 11.58 15.24
C ALA B 43 -1.04 12.00 15.45
N PRO B 44 -1.99 11.06 15.37
CA PRO B 44 -3.34 11.33 15.78
C PRO B 44 -3.39 11.77 17.26
N LYS B 45 -4.33 12.63 17.59
CA LYS B 45 -4.51 13.12 18.94
C LYS B 45 -5.96 12.73 19.36
N LEU B 46 -6.12 12.19 20.56
CA LEU B 46 -7.45 11.88 21.10
C LEU B 46 -8.29 13.15 21.22
N LEU B 47 -9.43 13.17 20.56
CA LEU B 47 -10.32 14.32 20.55
C LEU B 47 -11.54 14.15 21.43
N ILE B 48 -12.20 13.02 21.25
CA ILE B 48 -13.41 12.70 22.01
C ILE B 48 -13.24 11.28 22.49
N TYR B 49 -13.61 10.99 23.74
CA TYR B 49 -13.65 9.61 24.17
C TYR B 49 -15.01 9.27 24.73
N ALA B 50 -15.34 7.99 24.64
CA ALA B 50 -16.56 7.42 25.16
C ALA B 50 -17.75 8.18 24.63
N ALA B 51 -17.77 8.31 23.31
CA ALA B 51 -18.83 8.94 22.55
C ALA B 51 -18.88 10.47 22.68
N SER B 52 -18.78 11.02 23.91
CA SER B 52 -19.10 12.42 24.13
C SER B 52 -18.17 13.25 25.05
N SER B 53 -17.13 12.64 25.65
CA SER B 53 -16.23 13.35 26.53
C SER B 53 -15.10 13.98 25.76
N ARG B 54 -14.84 15.26 26.01
N ARG B 54 -14.83 15.26 26.01
CA ARG B 54 -13.71 15.94 25.37
CA ARG B 54 -13.71 15.94 25.37
C ARG B 54 -12.37 15.51 25.95
C ARG B 54 -12.37 15.52 25.94
N GLY B 55 -11.41 15.29 25.06
CA GLY B 55 -10.07 14.92 25.46
C GLY B 55 -9.39 16.10 26.11
N SER B 56 -8.29 15.81 26.79
CA SER B 56 -7.46 16.82 27.40
C SER B 56 -7.00 17.82 26.36
N GLY B 57 -7.18 19.09 26.69
CA GLY B 57 -6.79 20.21 25.81
C GLY B 57 -7.66 20.44 24.60
N VAL B 58 -8.81 19.77 24.52
CA VAL B 58 -9.67 19.88 23.36
C VAL B 58 -10.67 21.02 23.58
N PRO B 59 -10.77 21.99 22.63
CA PRO B 59 -11.71 23.10 22.84
C PRO B 59 -13.19 22.76 22.73
N SER B 60 -14.03 23.63 23.27
CA SER B 60 -15.45 23.34 23.45
C SER B 60 -16.25 23.27 22.15
N ARG B 61 -15.70 23.80 21.05
CA ARG B 61 -16.39 23.66 19.76
C ARG B 61 -16.49 22.20 19.25
N PHE B 62 -15.65 21.30 19.76
CA PHE B 62 -15.77 19.84 19.43
C PHE B 62 -16.71 19.17 20.39
N SER B 63 -17.67 18.41 19.86
CA SER B 63 -18.56 17.60 20.72
C SER B 63 -18.93 16.30 20.01
N GLY B 64 -19.35 15.33 20.78
CA GLY B 64 -19.63 14.03 20.27
C GLY B 64 -20.97 13.58 20.79
N SER B 65 -21.63 12.75 20.01
CA SER B 65 -22.94 12.24 20.39
C SER B 65 -23.09 10.80 19.86
N GLY B 66 -23.95 9.99 20.48
CA GLY B 66 -24.08 8.60 20.05
C GLY B 66 -25.35 8.00 20.44
N SER B 67 -25.92 7.19 19.56
CA SER B 67 -27.27 6.64 19.70
C SER B 67 -27.23 5.30 18.99
N GLY B 68 -27.39 4.20 19.74
CA GLY B 68 -27.27 2.85 19.19
C GLY B 68 -25.95 2.73 18.47
N THR B 69 -26.02 2.43 17.17
CA THR B 69 -24.85 2.21 16.30
C THR B 69 -24.33 3.48 15.59
N ASP B 70 -24.98 4.63 15.77
CA ASP B 70 -24.66 5.85 15.04
C ASP B 70 -24.01 6.82 15.98
N PHE B 71 -22.79 7.24 15.65
CA PHE B 71 -22.02 8.18 16.45
C PHE B 71 -21.74 9.38 15.61
N THR B 72 -21.75 10.57 16.21
N THR B 72 -21.71 10.55 16.22
CA THR B 72 -21.48 11.80 15.46
CA THR B 72 -21.49 11.78 15.51
C THR B 72 -20.42 12.64 16.18
C THR B 72 -20.43 12.63 16.19
N LEU B 73 -19.58 13.28 15.39
CA LEU B 73 -18.63 14.29 15.83
C LEU B 73 -19.05 15.60 15.21
N THR B 74 -19.19 16.65 16.04
CA THR B 74 -19.61 17.95 15.58
C THR B 74 -18.56 19.02 15.93
N ILE B 75 -18.22 19.84 14.95
CA ILE B 75 -17.48 21.08 15.17
C ILE B 75 -18.48 22.21 15.02
N SER B 76 -18.75 22.91 16.13
CA SER B 76 -19.86 23.87 16.17
C SER B 76 -19.59 25.10 15.32
N SER B 77 -18.31 25.47 15.18
CA SER B 77 -17.89 26.64 14.41
C SER B 77 -16.47 26.37 13.89
N LEU B 78 -16.37 25.99 12.63
CA LEU B 78 -15.11 25.53 12.05
C LEU B 78 -14.04 26.61 12.06
N GLN B 79 -12.82 26.28 12.49
CA GLN B 79 -11.72 27.20 12.46
C GLN B 79 -10.65 26.72 11.48
N PRO B 80 -9.80 27.64 11.00
CA PRO B 80 -8.81 27.24 10.00
C PRO B 80 -7.87 26.14 10.50
N GLU B 81 -7.61 26.12 11.82
CA GLU B 81 -6.72 25.13 12.42
C GLU B 81 -7.34 23.74 12.57
N ASP B 82 -8.64 23.62 12.31
CA ASP B 82 -9.32 22.32 12.34
C ASP B 82 -9.19 21.49 11.04
N PHE B 83 -8.45 22.03 10.06
CA PHE B 83 -8.01 21.25 8.94
C PHE B 83 -7.31 20.01 9.48
N ALA B 84 -7.85 18.84 9.15
CA ALA B 84 -7.33 17.57 9.64
C ALA B 84 -8.10 16.41 9.05
N THR B 85 -7.58 15.21 9.25
CA THR B 85 -8.39 13.97 9.12
C THR B 85 -8.87 13.50 10.48
N TYR B 86 -10.17 13.21 10.56
CA TYR B 86 -10.80 12.75 11.76
C TYR B 86 -11.14 11.24 11.63
N TYR B 87 -10.76 10.43 12.62
CA TYR B 87 -10.99 8.98 12.66
C TYR B 87 -11.83 8.64 13.84
N CYS B 88 -12.80 7.73 13.65
CA CYS B 88 -13.48 7.12 14.79
C CYS B 88 -12.83 5.75 15.09
N GLN B 89 -13.11 5.21 16.27
CA GLN B 89 -12.49 3.98 16.72
C GLN B 89 -13.36 3.30 17.76
N GLN B 90 -13.43 1.98 17.69
CA GLN B 90 -13.93 1.12 18.77
C GLN B 90 -13.04 -0.08 18.87
N SER B 91 -12.68 -0.46 20.09
N SER B 91 -12.67 -0.46 20.09
CA SER B 91 -11.83 -1.64 20.30
CA SER B 91 -11.84 -1.62 20.31
C SER B 91 -10.58 -1.55 19.42
C SER B 91 -10.59 -1.55 19.43
N ARG B 92 -10.31 -2.57 18.61
CA ARG B 92 -9.09 -2.56 17.76
C ARG B 92 -9.32 -2.05 16.37
N THR B 93 -10.50 -1.48 16.11
CA THR B 93 -10.87 -1.05 14.75
C THR B 93 -10.96 0.47 14.60
N PHE B 94 -10.33 0.98 13.55
CA PHE B 94 -10.49 2.37 13.16
C PHE B 94 -11.38 2.51 11.92
N GLY B 95 -12.14 3.59 11.86
CA GLY B 95 -12.82 4.01 10.67
C GLY B 95 -11.78 4.48 9.64
N GLN B 96 -12.23 4.69 8.42
CA GLN B 96 -11.35 5.07 7.30
C GLN B 96 -10.93 6.56 7.29
N GLY B 97 -11.55 7.39 8.13
CA GLY B 97 -11.25 8.80 8.20
C GLY B 97 -12.14 9.71 7.37
N THR B 98 -12.31 10.94 7.83
CA THR B 98 -12.96 12.00 7.11
C THR B 98 -12.00 13.17 7.05
N LYS B 99 -11.64 13.59 5.85
CA LYS B 99 -10.80 14.76 5.62
C LYS B 99 -11.65 16.02 5.62
N VAL B 100 -11.36 16.94 6.54
CA VAL B 100 -12.05 18.23 6.62
C VAL B 100 -11.15 19.30 6.01
N GLU B 101 -11.64 19.89 4.91
CA GLU B 101 -10.98 20.96 4.17
C GLU B 101 -11.75 22.26 4.43
N ILE B 102 -11.01 23.36 4.45
CA ILE B 102 -11.54 24.70 4.66
C ILE B 102 -11.77 25.37 3.29
N LYS B 103 -13.00 25.79 3.07
CA LYS B 103 -13.36 26.63 1.96
C LYS B 103 -13.12 28.08 2.33
N ARG B 104 -12.41 28.83 1.49
CA ARG B 104 -12.13 30.25 1.69
C ARG B 104 -12.18 31.03 0.34
N THR B 105 -11.95 32.34 0.38
CA THR B 105 -11.95 33.18 -0.82
C THR B 105 -10.77 32.83 -1.72
N VAL B 106 -10.91 33.19 -3.00
CA VAL B 106 -9.84 32.99 -3.97
C VAL B 106 -8.64 33.84 -3.66
N ALA B 107 -7.44 33.28 -3.87
CA ALA B 107 -6.23 33.97 -3.61
C ALA B 107 -5.24 33.58 -4.71
N ALA B 108 -4.68 34.56 -5.42
CA ALA B 108 -3.73 34.27 -6.51
C ALA B 108 -2.38 33.87 -5.92
N PRO B 109 -1.66 32.94 -6.57
CA PRO B 109 -0.29 32.66 -6.10
C PRO B 109 0.69 33.82 -6.31
N SER B 110 1.67 33.94 -5.42
CA SER B 110 2.89 34.68 -5.70
C SER B 110 3.83 33.69 -6.33
N VAL B 111 4.45 34.07 -7.44
CA VAL B 111 5.25 33.15 -8.26
C VAL B 111 6.71 33.56 -8.23
N PHE B 112 7.60 32.60 -8.02
CA PHE B 112 9.03 32.79 -7.94
C PHE B 112 9.72 31.69 -8.73
N ILE B 113 10.81 32.04 -9.40
CA ILE B 113 11.56 31.06 -10.17
C ILE B 113 12.98 31.09 -9.64
N PHE B 114 13.58 29.91 -9.54
CA PHE B 114 14.93 29.75 -9.00
C PHE B 114 15.80 29.01 -10.00
N PRO B 115 16.91 29.62 -10.44
CA PRO B 115 17.83 28.85 -11.26
C PRO B 115 18.58 27.76 -10.47
N PRO B 116 19.17 26.79 -11.17
CA PRO B 116 20.05 25.83 -10.47
C PRO B 116 21.26 26.53 -9.88
N SER B 117 21.73 26.03 -8.75
CA SER B 117 22.95 26.56 -8.14
C SER B 117 24.16 26.11 -8.95
N ASP B 118 25.24 26.88 -8.89
CA ASP B 118 26.51 26.48 -9.51
C ASP B 118 27.02 25.17 -8.96
N GLU B 119 26.84 25.00 -7.66
CA GLU B 119 27.26 23.79 -6.97
C GLU B 119 26.55 22.59 -7.63
N GLN B 120 25.24 22.67 -7.81
CA GLN B 120 24.53 21.53 -8.41
C GLN B 120 24.98 21.27 -9.84
N LEU B 121 25.22 22.34 -10.59
CA LEU B 121 25.66 22.17 -11.99
C LEU B 121 26.90 21.30 -12.11
N LYS B 122 27.81 21.48 -11.17
CA LYS B 122 29.02 20.64 -11.10
C LYS B 122 28.75 19.14 -11.05
N SER B 123 27.63 18.74 -10.45
CA SER B 123 27.24 17.33 -10.38
C SER B 123 26.70 16.74 -11.71
N GLY B 124 26.47 17.58 -12.72
CA GLY B 124 26.01 17.11 -14.04
C GLY B 124 24.51 17.20 -14.23
N THR B 125 23.77 17.72 -13.25
CA THR B 125 22.33 17.88 -13.32
C THR B 125 21.96 19.33 -12.94
N ALA B 126 20.84 19.79 -13.46
CA ALA B 126 20.33 21.13 -13.22
C ALA B 126 18.89 20.95 -12.85
N SER B 127 18.51 21.46 -11.68
CA SER B 127 17.12 21.56 -11.27
C SER B 127 16.68 23.02 -11.28
N VAL B 128 15.55 23.32 -11.92
CA VAL B 128 15.00 24.67 -11.97
C VAL B 128 13.68 24.55 -11.24
N VAL B 129 13.45 25.46 -10.29
CA VAL B 129 12.29 25.33 -9.40
C VAL B 129 11.36 26.52 -9.60
N CYS B 130 10.08 26.22 -9.72
CA CYS B 130 9.06 27.26 -9.79
C CYS B 130 8.18 27.11 -8.55
N LEU B 131 7.99 28.19 -7.80
CA LEU B 131 7.21 28.18 -6.54
C LEU B 131 5.95 29.00 -6.73
N LEU B 132 4.81 28.42 -6.39
CA LEU B 132 3.55 29.15 -6.31
C LEU B 132 3.18 29.23 -4.84
N ASN B 133 3.14 30.42 -4.28
CA ASN B 133 2.99 30.52 -2.84
C ASN B 133 1.62 31.04 -2.47
N ASN B 134 1.02 30.37 -1.50
CA ASN B 134 -0.16 30.83 -0.80
C ASN B 134 -1.37 31.14 -1.70
N PHE B 135 -1.92 30.11 -2.33
CA PHE B 135 -3.05 30.32 -3.24
C PHE B 135 -4.22 29.44 -2.86
N TYR B 136 -5.38 29.81 -3.39
CA TYR B 136 -6.59 29.05 -3.18
C TYR B 136 -7.53 29.39 -4.34
N PRO B 137 -8.24 28.40 -4.89
CA PRO B 137 -8.27 26.98 -4.60
C PRO B 137 -7.03 26.24 -5.17
N ARG B 138 -7.01 24.92 -4.96
N ARG B 138 -7.02 24.92 -4.98
CA ARG B 138 -5.86 24.06 -5.30
CA ARG B 138 -5.91 24.05 -5.31
C ARG B 138 -5.54 23.97 -6.79
C ARG B 138 -5.55 23.98 -6.79
N GLU B 139 -6.55 24.11 -7.65
CA GLU B 139 -6.35 23.92 -9.09
C GLU B 139 -5.43 25.01 -9.68
N ALA B 140 -4.35 24.59 -10.31
CA ALA B 140 -3.36 25.51 -10.90
C ALA B 140 -2.64 24.78 -12.00
N LYS B 141 -2.27 25.50 -13.04
CA LYS B 141 -1.56 24.92 -14.17
C LYS B 141 -0.19 25.59 -14.21
N VAL B 142 0.86 24.79 -14.30
CA VAL B 142 2.21 25.33 -14.38
C VAL B 142 2.84 24.74 -15.61
N GLN B 143 3.38 25.57 -16.50
CA GLN B 143 4.02 25.11 -17.74
C GLN B 143 5.42 25.63 -17.82
N TRP B 144 6.36 24.77 -18.23
CA TRP B 144 7.74 25.16 -18.37
C TRP B 144 8.05 25.45 -19.84
N LYS B 145 8.79 26.52 -20.08
CA LYS B 145 9.27 26.85 -21.43
C LYS B 145 10.77 27.11 -21.34
N VAL B 146 11.49 26.50 -22.28
CA VAL B 146 12.93 26.66 -22.36
C VAL B 146 13.20 27.18 -23.75
N ASP B 147 13.79 28.38 -23.85
CA ASP B 147 13.91 29.10 -25.15
C ASP B 147 12.60 29.04 -25.91
N ASN B 148 11.51 29.32 -25.19
CA ASN B 148 10.14 29.31 -25.70
C ASN B 148 9.56 27.95 -26.11
N ALA B 149 10.25 26.83 -25.90
CA ALA B 149 9.70 25.53 -26.28
C ALA B 149 9.01 24.94 -25.04
N LEU B 150 7.72 24.60 -25.17
N LEU B 150 7.72 24.61 -25.16
CA LEU B 150 6.96 23.98 -24.08
CA LEU B 150 6.96 23.98 -24.07
C LEU B 150 7.59 22.64 -23.72
C LEU B 150 7.60 22.64 -23.71
N GLN B 151 7.83 22.41 -22.44
CA GLN B 151 8.48 21.19 -21.94
C GLN B 151 7.44 20.18 -21.49
N SER B 152 7.76 18.91 -21.69
CA SER B 152 6.87 17.81 -21.35
C SER B 152 7.67 16.64 -20.81
N GLY B 153 7.21 16.06 -19.70
CA GLY B 153 7.79 14.82 -19.19
C GLY B 153 9.07 14.94 -18.37
N ASN B 154 9.52 16.16 -18.09
CA ASN B 154 10.76 16.39 -17.33
C ASN B 154 10.56 17.25 -16.11
N SER B 155 9.32 17.33 -15.61
CA SER B 155 9.06 18.05 -14.40
C SER B 155 8.16 17.29 -13.41
N GLN B 156 8.28 17.61 -12.12
CA GLN B 156 7.46 17.00 -11.09
C GLN B 156 6.93 18.08 -10.21
N GLU B 157 5.71 17.89 -9.71
CA GLU B 157 5.10 18.90 -8.83
C GLU B 157 4.94 18.31 -7.45
N SER B 158 4.94 19.16 -6.43
CA SER B 158 4.58 18.78 -5.10
C SER B 158 3.72 19.89 -4.53
N VAL B 159 2.76 19.53 -3.70
N VAL B 159 2.74 19.53 -3.72
CA VAL B 159 1.85 20.48 -3.13
CA VAL B 159 1.83 20.52 -3.16
C VAL B 159 1.79 20.27 -1.63
C VAL B 159 1.76 20.28 -1.65
N THR B 160 1.68 21.36 -0.89
CA THR B 160 1.48 21.29 0.54
C THR B 160 0.00 21.01 0.84
N GLU B 161 -0.24 20.59 2.06
CA GLU B 161 -1.58 20.48 2.59
C GLU B 161 -2.06 21.91 2.92
N GLN B 162 -3.36 22.10 3.11
CA GLN B 162 -3.88 23.44 3.42
C GLN B 162 -3.25 24.00 4.69
N ASP B 163 -2.86 25.26 4.65
CA ASP B 163 -2.16 25.93 5.75
C ASP B 163 -3.07 26.07 6.93
N SER B 164 -2.56 25.83 8.14
CA SER B 164 -3.47 25.88 9.32
C SER B 164 -3.90 27.29 9.76
N LYS B 165 -3.27 28.33 9.24
CA LYS B 165 -3.68 29.72 9.56
C LYS B 165 -4.49 30.39 8.47
N ASP B 166 -4.00 30.37 7.23
CA ASP B 166 -4.71 31.08 6.13
C ASP B 166 -5.42 30.16 5.10
N SER B 167 -5.33 28.84 5.28
CA SER B 167 -6.07 27.84 4.47
C SER B 167 -5.68 27.81 2.98
N THR B 168 -4.49 28.28 2.67
CA THR B 168 -4.00 28.28 1.30
C THR B 168 -3.12 27.07 1.03
N TYR B 169 -2.78 26.89 -0.23
CA TYR B 169 -1.85 25.90 -0.67
C TYR B 169 -0.60 26.57 -1.19
N SER B 170 0.49 25.83 -1.21
CA SER B 170 1.66 26.23 -1.96
C SER B 170 2.11 25.05 -2.81
N LEU B 171 2.80 25.34 -3.91
CA LEU B 171 3.15 24.32 -4.88
C LEU B 171 4.52 24.59 -5.45
N SER B 172 5.29 23.53 -5.67
CA SER B 172 6.57 23.61 -6.36
C SER B 172 6.50 22.76 -7.63
N SER B 173 7.12 23.25 -8.71
CA SER B 173 7.32 22.45 -9.89
C SER B 173 8.79 22.53 -10.16
N THR B 174 9.39 21.37 -10.43
CA THR B 174 10.81 21.25 -10.59
C THR B 174 11.09 20.61 -11.93
N LEU B 175 11.82 21.33 -12.77
CA LEU B 175 12.24 20.87 -14.06
C LEU B 175 13.66 20.36 -13.91
N THR B 176 13.91 19.13 -14.33
CA THR B 176 15.21 18.52 -14.21
C THR B 176 15.80 18.28 -15.61
N LEU B 177 17.00 18.77 -15.81
CA LEU B 177 17.74 18.66 -17.10
C LEU B 177 19.13 18.23 -16.78
N SER B 178 19.81 17.66 -17.76
CA SER B 178 21.22 17.48 -17.62
C SER B 178 21.86 18.88 -17.63
N LYS B 179 23.13 18.93 -17.16
CA LYS B 179 23.90 20.13 -17.24
C LYS B 179 24.07 20.53 -18.70
N ALA B 180 24.40 19.58 -19.59
CA ALA B 180 24.66 19.94 -21.02
C ALA B 180 23.41 20.57 -21.62
N ASP B 181 22.23 20.02 -21.30
CA ASP B 181 20.97 20.55 -21.84
C ASP B 181 20.70 21.94 -21.24
N TYR B 182 20.94 22.10 -19.93
CA TYR B 182 20.75 23.40 -19.31
C TYR B 182 21.64 24.48 -19.99
N GLU B 183 22.91 24.14 -20.20
CA GLU B 183 23.89 25.06 -20.80
C GLU B 183 23.63 25.38 -22.26
N LYS B 184 22.85 24.56 -22.96
CA LYS B 184 22.52 24.80 -24.38
C LYS B 184 21.42 25.83 -24.55
N HIS B 185 20.72 26.24 -23.50
CA HIS B 185 19.58 27.17 -23.64
C HIS B 185 19.76 28.39 -22.76
N LYS B 186 19.00 29.44 -23.04
CA LYS B 186 19.16 30.74 -22.41
C LYS B 186 17.98 31.08 -21.50
N VAL B 187 16.76 31.03 -22.05
CA VAL B 187 15.59 31.59 -21.36
C VAL B 187 14.81 30.46 -20.70
N TYR B 188 14.64 30.55 -19.38
CA TYR B 188 13.92 29.56 -18.62
C TYR B 188 12.72 30.27 -18.03
N ALA B 189 11.54 29.73 -18.28
CA ALA B 189 10.28 30.42 -17.92
C ALA B 189 9.28 29.46 -17.35
N CYS B 190 8.60 29.93 -16.31
CA CYS B 190 7.57 29.20 -15.58
C CYS B 190 6.30 30.00 -15.89
N GLU B 191 5.29 29.41 -16.52
CA GLU B 191 4.03 30.10 -16.80
C GLU B 191 2.90 29.49 -15.96
N VAL B 192 2.17 30.33 -15.23
CA VAL B 192 1.19 29.91 -14.22
C VAL B 192 -0.19 30.42 -14.52
N THR B 193 -1.14 29.49 -14.58
CA THR B 193 -2.55 29.80 -14.73
C THR B 193 -3.27 29.47 -13.43
N HIS B 194 -4.06 30.42 -12.92
CA HIS B 194 -4.83 30.20 -11.72
C HIS B 194 -6.03 31.15 -11.75
N GLN B 195 -7.16 30.69 -11.31
CA GLN B 195 -8.39 31.51 -11.38
C GLN B 195 -8.32 32.86 -10.61
N GLY B 196 -7.42 32.98 -9.66
CA GLY B 196 -7.13 34.24 -8.98
C GLY B 196 -6.39 35.29 -9.81
N LEU B 197 -5.82 34.88 -10.93
CA LEU B 197 -5.09 35.79 -11.84
C LEU B 197 -5.95 36.24 -13.00
N SER B 198 -5.80 37.48 -13.44
CA SER B 198 -6.56 37.99 -14.60
C SER B 198 -6.07 37.37 -15.93
N SER B 199 -4.82 36.92 -15.98
CA SER B 199 -4.27 36.19 -17.14
C SER B 199 -3.04 35.46 -16.64
N PRO B 200 -2.48 34.56 -17.44
CA PRO B 200 -1.33 33.81 -16.90
C PRO B 200 -0.12 34.66 -16.53
N VAL B 201 0.61 34.26 -15.49
CA VAL B 201 1.78 34.97 -15.01
C VAL B 201 2.99 34.16 -15.41
N THR B 202 3.98 34.83 -15.99
CA THR B 202 5.25 34.20 -16.35
C THR B 202 6.41 34.82 -15.56
N LYS B 203 7.23 33.98 -14.94
CA LYS B 203 8.49 34.39 -14.34
C LYS B 203 9.61 33.68 -15.10
N SER B 204 10.67 34.39 -15.38
CA SER B 204 11.74 33.79 -16.12
C SER B 204 13.06 34.37 -15.70
N PHE B 205 14.14 33.71 -16.10
CA PHE B 205 15.48 34.23 -15.98
C PHE B 205 16.25 33.85 -17.24
N ASN B 206 17.35 34.55 -17.47
CA ASN B 206 18.32 34.16 -18.49
C ASN B 206 19.54 33.53 -17.83
N ARG B 207 19.92 32.34 -18.30
CA ARG B 207 21.07 31.67 -17.74
C ARG B 207 22.29 32.59 -17.90
N GLY B 208 23.04 32.76 -16.80
CA GLY B 208 24.24 33.62 -16.83
C GLY B 208 24.00 35.03 -16.32
N GLU B 209 22.76 35.51 -16.34
CA GLU B 209 22.34 36.80 -15.78
C GLU B 209 21.40 36.54 -14.62
N GLN C 1 -20.00 -13.60 -24.68
CA GLN C 1 -18.57 -13.98 -24.58
C GLN C 1 -17.68 -12.95 -25.33
N VAL C 2 -17.95 -11.67 -25.10
CA VAL C 2 -17.05 -10.60 -25.54
C VAL C 2 -15.66 -10.96 -24.94
N GLN C 3 -14.60 -10.69 -25.69
CA GLN C 3 -13.22 -10.98 -25.28
C GLN C 3 -12.53 -9.65 -25.07
N LEU C 4 -11.84 -9.47 -23.95
CA LEU C 4 -11.08 -8.25 -23.66
C LEU C 4 -9.65 -8.63 -23.43
N GLN C 5 -8.79 -8.21 -24.35
CA GLN C 5 -7.41 -8.64 -24.41
C GLN C 5 -6.48 -7.46 -24.08
N GLN C 6 -5.81 -7.55 -22.94
CA GLN C 6 -5.00 -6.43 -22.39
C GLN C 6 -3.58 -6.59 -22.82
N SER C 7 -2.93 -5.48 -23.03
CA SER C 7 -1.50 -5.51 -23.27
C SER C 7 -0.85 -4.21 -22.76
N GLY C 8 0.47 -4.25 -22.67
CA GLY C 8 1.25 -3.11 -22.25
C GLY C 8 2.25 -3.51 -21.16
N PRO C 9 3.32 -2.69 -20.97
CA PRO C 9 4.38 -3.05 -20.02
C PRO C 9 3.95 -3.05 -18.54
N GLY C 10 4.49 -4.01 -17.80
CA GLY C 10 4.21 -4.22 -16.38
C GLY C 10 5.27 -3.62 -15.44
N LEU C 11 6.22 -2.84 -15.97
CA LEU C 11 7.19 -2.14 -15.15
C LEU C 11 7.24 -0.67 -15.59
N VAL C 12 7.06 0.24 -14.64
CA VAL C 12 7.08 1.69 -14.89
C VAL C 12 7.97 2.33 -13.82
N LYS C 13 8.90 3.19 -14.21
CA LYS C 13 9.70 3.91 -13.23
C LYS C 13 8.84 4.96 -12.49
N PRO C 14 9.14 5.23 -11.19
CA PRO C 14 8.41 6.30 -10.51
C PRO C 14 8.54 7.63 -11.24
N SER C 15 7.43 8.39 -11.26
CA SER C 15 7.31 9.65 -11.98
C SER C 15 6.98 9.53 -13.47
N GLN C 16 7.05 8.34 -14.08
CA GLN C 16 6.84 8.19 -15.50
C GLN C 16 5.42 7.71 -15.78
N THR C 17 5.13 7.33 -17.02
CA THR C 17 3.75 7.09 -17.46
C THR C 17 3.46 5.59 -17.64
N LEU C 18 2.34 5.16 -17.06
CA LEU C 18 1.82 3.84 -17.27
C LEU C 18 0.91 3.89 -18.48
N SER C 19 1.09 2.96 -19.42
CA SER C 19 0.22 2.89 -20.64
C SER C 19 -0.22 1.47 -20.94
N LEU C 20 -1.52 1.24 -20.95
CA LEU C 20 -2.08 -0.09 -21.21
C LEU C 20 -3.17 0.03 -22.27
N THR C 21 -3.43 -1.09 -22.94
CA THR C 21 -4.45 -1.15 -23.99
C THR C 21 -5.33 -2.37 -23.77
N CYS C 22 -6.63 -2.23 -24.07
CA CYS C 22 -7.59 -3.33 -24.05
C CYS C 22 -8.14 -3.42 -25.47
N ALA C 23 -7.90 -4.55 -26.14
CA ALA C 23 -8.45 -4.82 -27.48
C ALA C 23 -9.74 -5.65 -27.36
N ILE C 24 -10.83 -5.16 -27.93
CA ILE C 24 -12.16 -5.75 -27.81
C ILE C 24 -12.48 -6.63 -29.02
N SER C 25 -13.03 -7.82 -28.77
CA SER C 25 -13.58 -8.66 -29.81
C SER C 25 -14.98 -9.08 -29.42
N GLY C 26 -15.92 -8.93 -30.35
CA GLY C 26 -17.31 -9.31 -30.14
C GLY C 26 -18.26 -8.19 -29.80
N ASP C 27 -17.76 -6.96 -29.76
CA ASP C 27 -18.59 -5.78 -29.46
C ASP C 27 -17.78 -4.59 -29.98
N SER C 28 -18.43 -3.47 -30.13
CA SER C 28 -17.81 -2.26 -30.68
C SER C 28 -17.45 -1.32 -29.53
N VAL C 29 -16.25 -0.76 -29.56
CA VAL C 29 -15.86 0.28 -28.59
C VAL C 29 -16.87 1.45 -28.60
N SER C 30 -17.47 1.73 -29.75
CA SER C 30 -18.40 2.83 -29.85
C SER C 30 -19.85 2.39 -29.70
N SER C 31 -20.11 1.18 -29.21
CA SER C 31 -21.48 0.70 -29.03
C SER C 31 -22.25 1.55 -28.05
N TYR C 32 -23.52 1.73 -28.39
CA TYR C 32 -24.46 2.46 -27.57
C TYR C 32 -24.84 1.68 -26.28
N ASN C 33 -24.63 0.36 -26.26
CA ASN C 33 -24.98 -0.47 -25.13
C ASN C 33 -23.75 -0.98 -24.41
N ALA C 34 -22.70 -0.18 -24.39
CA ALA C 34 -21.48 -0.56 -23.68
C ALA C 34 -20.86 0.66 -23.06
N VAL C 35 -20.13 0.40 -21.97
CA VAL C 35 -19.30 1.38 -21.28
C VAL C 35 -17.99 0.65 -21.01
N TRP C 36 -16.87 1.29 -21.31
CA TRP C 36 -15.56 0.67 -21.22
C TRP C 36 -14.77 1.28 -20.05
N ASN C 37 -14.42 0.44 -19.08
CA ASN C 37 -13.86 0.85 -17.81
C ASN C 37 -12.47 0.28 -17.57
N TRP C 38 -11.71 0.99 -16.73
CA TRP C 38 -10.51 0.49 -16.10
C TRP C 38 -10.71 0.47 -14.58
N ILE C 39 -10.22 -0.61 -13.98
CA ILE C 39 -10.36 -0.90 -12.56
C ILE C 39 -9.02 -1.47 -12.14
N ARG C 40 -8.55 -1.12 -10.94
CA ARG C 40 -7.32 -1.74 -10.44
C ARG C 40 -7.54 -2.39 -9.09
N GLN C 41 -6.64 -3.31 -8.75
CA GLN C 41 -6.73 -4.04 -7.53
C GLN C 41 -5.37 -4.20 -6.92
N SER C 42 -5.30 -3.94 -5.62
CA SER C 42 -4.05 -4.16 -4.86
C SER C 42 -4.44 -4.71 -3.49
N PRO C 43 -3.54 -5.49 -2.85
CA PRO C 43 -3.86 -6.17 -1.59
C PRO C 43 -4.41 -5.23 -0.53
N SER C 44 -3.83 -4.04 -0.47
CA SER C 44 -4.16 -3.03 0.51
C SER C 44 -5.47 -2.34 0.15
N ARG C 45 -5.51 -1.79 -1.06
CA ARG C 45 -6.59 -0.89 -1.52
C ARG C 45 -7.84 -1.58 -2.05
N GLY C 46 -7.79 -2.91 -2.22
CA GLY C 46 -8.91 -3.67 -2.79
C GLY C 46 -9.16 -3.28 -4.23
N LEU C 47 -10.43 -3.40 -4.65
CA LEU C 47 -10.86 -2.99 -5.99
C LEU C 47 -11.22 -1.51 -6.11
N GLU C 48 -10.59 -0.84 -7.07
CA GLU C 48 -10.77 0.58 -7.25
C GLU C 48 -11.08 0.92 -8.71
N TRP C 49 -12.25 1.48 -8.96
CA TRP C 49 -12.63 1.95 -10.31
C TRP C 49 -11.88 3.23 -10.63
N LEU C 50 -11.28 3.29 -11.81
CA LEU C 50 -10.43 4.42 -12.22
C LEU C 50 -11.11 5.40 -13.18
N GLY C 51 -11.88 4.86 -14.13
CA GLY C 51 -12.46 5.70 -15.12
C GLY C 51 -13.11 4.92 -16.23
N ARG C 52 -13.72 5.66 -17.14
CA ARG C 52 -14.40 5.04 -18.26
C ARG C 52 -14.48 5.96 -19.47
N THR C 53 -14.75 5.33 -20.61
CA THR C 53 -15.10 6.01 -21.84
C THR C 53 -16.28 5.27 -22.51
N TYR C 54 -17.12 6.03 -23.21
CA TYR C 54 -18.30 5.53 -23.93
C TYR C 54 -18.81 6.55 -24.94
N TYR C 55 -19.50 6.04 -25.95
CA TYR C 55 -19.98 6.85 -27.05
C TYR C 55 -21.50 6.87 -27.01
N ARG C 56 -22.06 8.07 -26.96
CA ARG C 56 -23.52 8.31 -27.11
C ARG C 56 -23.70 9.56 -27.99
N SER C 57 -23.64 9.39 -29.30
CA SER C 57 -23.56 10.52 -30.25
C SER C 57 -22.46 11.52 -29.88
N GLY C 58 -21.32 10.98 -29.47
CA GLY C 58 -20.15 11.74 -29.08
C GLY C 58 -19.48 11.02 -27.93
N TRP C 59 -18.17 11.20 -27.82
CA TRP C 59 -17.39 10.53 -26.79
C TRP C 59 -17.49 11.22 -25.43
N TYR C 60 -17.63 10.41 -24.38
CA TYR C 60 -17.60 10.88 -23.00
C TYR C 60 -16.52 10.14 -22.22
N ASN C 61 -15.96 10.82 -21.22
CA ASN C 61 -15.01 10.24 -20.27
C ASN C 61 -15.42 10.66 -18.85
N ASP C 62 -15.32 9.75 -17.88
CA ASP C 62 -15.46 10.08 -16.45
C ASP C 62 -14.29 9.43 -15.75
N TYR C 63 -13.73 10.10 -14.76
CA TYR C 63 -12.60 9.59 -14.00
C TYR C 63 -12.84 9.66 -12.50
N ALA C 64 -12.20 8.76 -11.78
CA ALA C 64 -12.21 8.79 -10.31
C ALA C 64 -11.44 10.01 -9.78
N GLU C 65 -11.97 10.61 -8.73
CA GLU C 65 -11.36 11.79 -8.10
C GLU C 65 -9.90 11.57 -7.73
N SER C 66 -9.57 10.38 -7.23
CA SER C 66 -8.20 10.05 -6.82
C SER C 66 -7.15 10.11 -7.94
N VAL C 67 -7.55 9.88 -9.20
CA VAL C 67 -6.60 9.85 -10.33
C VAL C 67 -6.88 10.91 -11.41
N LYS C 68 -7.90 11.73 -11.21
CA LYS C 68 -8.44 12.59 -12.26
C LYS C 68 -7.39 13.48 -12.92
N SER C 69 -6.47 14.00 -12.13
CA SER C 69 -5.46 14.90 -12.67
C SER C 69 -4.37 14.21 -13.50
N ARG C 70 -4.27 12.88 -13.44
CA ARG C 70 -3.20 12.13 -14.08
C ARG C 70 -3.64 11.10 -15.13
N ILE C 71 -4.93 10.96 -15.34
CA ILE C 71 -5.45 9.83 -16.11
C ILE C 71 -6.07 10.28 -17.42
N THR C 72 -5.87 9.48 -18.48
CA THR C 72 -6.57 9.62 -19.76
C THR C 72 -7.01 8.25 -20.23
N ILE C 73 -8.25 8.14 -20.68
CA ILE C 73 -8.78 6.90 -21.27
C ILE C 73 -9.32 7.24 -22.64
N ASN C 74 -8.65 6.73 -23.69
CA ASN C 74 -8.98 7.05 -25.07
C ASN C 74 -9.44 5.84 -25.88
N PRO C 75 -10.52 5.99 -26.65
CA PRO C 75 -10.91 4.96 -27.58
C PRO C 75 -10.10 5.02 -28.88
N ASP C 76 -9.94 3.88 -29.54
CA ASP C 76 -9.39 3.81 -30.91
C ASP C 76 -10.40 3.03 -31.73
N THR C 77 -11.14 3.73 -32.58
CA THR C 77 -12.17 3.08 -33.36
C THR C 77 -11.61 2.19 -34.44
N SER C 78 -10.43 2.50 -34.97
CA SER C 78 -9.90 1.74 -36.12
C SER C 78 -9.32 0.39 -35.68
N LYS C 79 -8.87 0.24 -34.43
CA LYS C 79 -8.40 -1.04 -33.92
C LYS C 79 -9.37 -1.66 -32.89
N ASN C 80 -10.51 -1.03 -32.66
CA ASN C 80 -11.52 -1.48 -31.68
C ASN C 80 -10.90 -1.71 -30.29
N GLN C 81 -10.21 -0.70 -29.78
CA GLN C 81 -9.55 -0.77 -28.50
C GLN C 81 -9.75 0.52 -27.72
N PHE C 82 -9.38 0.47 -26.45
CA PHE C 82 -9.31 1.66 -25.61
C PHE C 82 -8.08 1.55 -24.69
N SER C 83 -7.52 2.70 -24.37
N SER C 83 -7.47 2.68 -24.40
CA SER C 83 -6.25 2.77 -23.65
CA SER C 83 -6.20 2.70 -23.70
C SER C 83 -6.45 3.33 -22.26
C SER C 83 -6.31 3.46 -22.38
N LEU C 84 -5.44 3.11 -21.43
CA LEU C 84 -5.31 3.79 -20.16
C LEU C 84 -3.93 4.44 -20.19
N GLN C 85 -3.87 5.71 -19.84
CA GLN C 85 -2.63 6.39 -19.59
C GLN C 85 -2.71 7.02 -18.19
N LEU C 86 -1.74 6.72 -17.34
CA LEU C 86 -1.68 7.27 -15.99
C LEU C 86 -0.31 7.88 -15.79
N ASN C 87 -0.28 9.21 -15.65
CA ASN C 87 0.99 9.93 -15.55
C ASN C 87 1.50 9.97 -14.13
N SER C 88 2.78 10.35 -14.01
CA SER C 88 3.42 10.65 -12.72
C SER C 88 3.19 9.59 -11.66
N VAL C 89 3.42 8.34 -12.04
CA VAL C 89 3.11 7.23 -11.18
C VAL C 89 4.00 7.19 -9.94
N THR C 90 3.44 6.68 -8.85
CA THR C 90 4.17 6.46 -7.61
C THR C 90 3.96 5.02 -7.14
N PRO C 91 4.68 4.58 -6.10
CA PRO C 91 4.48 3.20 -5.59
C PRO C 91 3.05 2.84 -5.21
N GLU C 92 2.25 3.83 -4.83
CA GLU C 92 0.82 3.61 -4.61
C GLU C 92 0.04 3.15 -5.86
N ASP C 93 0.60 3.29 -7.06
CA ASP C 93 -0.04 2.82 -8.29
C ASP C 93 0.30 1.37 -8.69
N THR C 94 1.16 0.69 -7.93
CA THR C 94 1.46 -0.72 -8.12
C THR C 94 0.19 -1.54 -7.85
N ALA C 95 -0.26 -2.28 -8.85
CA ALA C 95 -1.55 -2.97 -8.80
C ALA C 95 -1.74 -3.85 -10.02
N VAL C 96 -2.76 -4.68 -9.99
CA VAL C 96 -3.24 -5.34 -11.19
C VAL C 96 -4.31 -4.45 -11.80
N TYR C 97 -4.18 -4.13 -13.09
CA TYR C 97 -5.11 -3.27 -13.81
C TYR C 97 -5.97 -4.13 -14.72
N TYR C 98 -7.29 -3.96 -14.58
CA TYR C 98 -8.27 -4.66 -15.36
C TYR C 98 -9.06 -3.69 -16.23
N CYS C 99 -9.35 -4.10 -17.47
CA CYS C 99 -10.41 -3.47 -18.25
C CYS C 99 -11.70 -4.26 -18.07
N ALA C 100 -12.84 -3.59 -18.21
CA ALA C 100 -14.13 -4.25 -18.09
C ALA C 100 -15.24 -3.50 -18.81
N ARG C 101 -16.23 -4.24 -19.27
CA ARG C 101 -17.41 -3.69 -19.84
C ARG C 101 -18.48 -3.59 -18.77
N SER C 102 -19.18 -2.46 -18.76
CA SER C 102 -20.41 -2.33 -18.02
C SER C 102 -21.49 -1.78 -18.94
N GLY C 103 -22.69 -1.64 -18.41
CA GLY C 103 -23.76 -0.97 -19.13
C GLY C 103 -24.33 -1.76 -20.28
N HIS C 104 -24.10 -3.07 -20.30
CA HIS C 104 -24.57 -3.95 -21.37
C HIS C 104 -25.69 -4.88 -20.93
N ILE C 105 -25.57 -5.48 -19.75
CA ILE C 105 -26.61 -6.33 -19.17
C ILE C 105 -27.85 -5.46 -18.91
N THR C 106 -29.04 -6.03 -19.11
CA THR C 106 -30.30 -5.31 -18.89
C THR C 106 -31.15 -5.96 -17.81
N VAL C 107 -31.93 -5.14 -17.09
CA VAL C 107 -32.94 -5.63 -16.13
C VAL C 107 -34.20 -4.80 -16.40
N PHE C 108 -35.29 -5.49 -16.68
CA PHE C 108 -36.54 -4.88 -17.18
C PHE C 108 -36.25 -3.94 -18.38
N GLY C 109 -35.34 -4.32 -19.28
CA GLY C 109 -35.03 -3.50 -20.46
C GLY C 109 -34.08 -2.32 -20.26
N VAL C 110 -33.63 -2.09 -19.03
CA VAL C 110 -32.74 -0.99 -18.69
C VAL C 110 -31.31 -1.52 -18.54
N ASN C 111 -30.38 -0.93 -19.28
CA ASN C 111 -28.95 -1.23 -19.13
C ASN C 111 -28.46 -0.91 -17.71
N VAL C 112 -27.67 -1.80 -17.11
N VAL C 112 -27.75 -1.82 -17.07
CA VAL C 112 -27.24 -1.64 -15.74
CA VAL C 112 -27.27 -1.60 -15.68
C VAL C 112 -25.72 -1.57 -15.60
C VAL C 112 -25.76 -1.58 -15.57
N ASP C 113 -25.28 -0.88 -14.56
CA ASP C 113 -23.85 -0.64 -14.32
C ASP C 113 -23.13 -1.82 -13.65
N ALA C 114 -23.40 -3.05 -14.08
CA ALA C 114 -22.64 -4.22 -13.65
C ALA C 114 -21.51 -4.44 -14.64
N PHE C 115 -20.36 -4.84 -14.10
CA PHE C 115 -19.18 -5.17 -14.90
C PHE C 115 -19.31 -6.65 -15.32
N ASP C 116 -19.87 -6.86 -16.51
CA ASP C 116 -20.22 -8.19 -16.94
C ASP C 116 -19.08 -9.00 -17.53
N MET C 117 -18.06 -8.35 -18.06
CA MET C 117 -16.89 -9.06 -18.54
C MET C 117 -15.64 -8.25 -18.28
N TRP C 118 -14.58 -8.95 -17.88
CA TRP C 118 -13.33 -8.34 -17.47
C TRP C 118 -12.20 -8.93 -18.31
N GLY C 119 -11.19 -8.13 -18.61
CA GLY C 119 -9.95 -8.64 -19.18
C GLY C 119 -9.16 -9.42 -18.13
N GLN C 120 -8.02 -9.99 -18.54
CA GLN C 120 -7.30 -10.94 -17.73
C GLN C 120 -6.43 -10.27 -16.62
N GLY C 121 -6.22 -8.96 -16.71
CA GLY C 121 -5.40 -8.22 -15.77
C GLY C 121 -3.95 -8.09 -16.22
N THR C 122 -3.37 -6.93 -15.97
CA THR C 122 -1.95 -6.67 -16.22
C THR C 122 -1.38 -6.26 -14.86
N MET C 123 -0.36 -6.99 -14.41
N MET C 123 -0.42 -7.02 -14.34
CA MET C 123 0.38 -6.67 -13.20
CA MET C 123 0.26 -6.60 -13.12
C MET C 123 1.31 -5.49 -13.49
C MET C 123 1.24 -5.48 -13.52
N VAL C 124 1.15 -4.36 -12.81
CA VAL C 124 2.05 -3.23 -13.04
C VAL C 124 2.81 -2.92 -11.76
N THR C 125 4.12 -2.89 -11.86
CA THR C 125 5.01 -2.63 -10.76
C THR C 125 5.66 -1.27 -11.00
N VAL C 126 5.56 -0.38 -10.02
CA VAL C 126 6.24 0.91 -10.10
C VAL C 126 7.54 0.74 -9.33
N SER C 127 8.65 0.78 -10.05
CA SER C 127 9.97 0.59 -9.42
C SER C 127 11.05 1.15 -10.32
N SER C 128 12.14 1.62 -9.70
CA SER C 128 13.32 2.03 -10.45
C SER C 128 14.26 0.86 -10.81
N ALA C 129 14.03 -0.34 -10.27
CA ALA C 129 14.92 -1.48 -10.53
C ALA C 129 14.79 -1.99 -11.97
N SER C 130 15.88 -2.54 -12.48
N SER C 130 15.86 -2.57 -12.48
CA SER C 130 15.91 -3.06 -13.82
CA SER C 130 15.90 -3.07 -13.86
C SER C 130 15.34 -4.48 -13.89
C SER C 130 15.26 -4.46 -13.96
N THR C 131 14.90 -4.86 -15.08
N THR C 131 14.87 -4.88 -15.17
CA THR C 131 14.39 -6.20 -15.28
CA THR C 131 14.36 -6.25 -15.33
C THR C 131 15.53 -7.22 -15.14
C THR C 131 15.51 -7.26 -15.20
N LYS C 132 15.22 -8.38 -14.56
CA LYS C 132 16.17 -9.50 -14.47
C LYS C 132 15.45 -10.83 -14.64
N GLY C 133 15.97 -11.68 -15.52
CA GLY C 133 15.43 -13.02 -15.72
C GLY C 133 15.82 -14.01 -14.63
N PRO C 134 15.01 -15.06 -14.41
CA PRO C 134 15.29 -16.01 -13.35
C PRO C 134 16.35 -17.04 -13.73
N SER C 135 17.04 -17.56 -12.72
CA SER C 135 17.78 -18.81 -12.78
C SER C 135 16.82 -19.92 -12.35
N VAL C 136 16.92 -21.08 -12.99
CA VAL C 136 16.05 -22.22 -12.65
C VAL C 136 16.85 -23.45 -12.24
N PHE C 137 16.58 -23.96 -11.03
CA PHE C 137 17.33 -25.08 -10.48
C PHE C 137 16.35 -26.23 -10.20
N PRO C 138 16.79 -27.49 -10.38
CA PRO C 138 15.97 -28.62 -10.10
C PRO C 138 15.84 -28.88 -8.59
N LEU C 139 14.64 -29.30 -8.19
CA LEU C 139 14.40 -29.90 -6.87
C LEU C 139 14.21 -31.37 -7.13
N ALA C 140 15.27 -32.16 -6.94
CA ALA C 140 15.30 -33.54 -7.40
C ALA C 140 14.51 -34.47 -6.45
N PRO C 141 13.78 -35.44 -6.99
CA PRO C 141 13.24 -36.48 -6.09
C PRO C 141 14.32 -37.41 -5.53
N SER C 142 14.19 -37.82 -4.26
CA SER C 142 14.97 -38.94 -3.69
C SER C 142 14.37 -40.27 -4.08
N GLY C 147 4.94 -45.86 -3.81
CA GLY C 147 4.30 -44.68 -3.24
C GLY C 147 4.46 -43.40 -4.07
N THR C 148 4.58 -42.26 -3.40
CA THR C 148 4.57 -40.95 -4.04
C THR C 148 5.88 -40.20 -3.88
N ALA C 149 6.36 -39.64 -4.99
CA ALA C 149 7.56 -38.79 -5.00
C ALA C 149 7.23 -37.33 -5.29
N ALA C 150 7.97 -36.43 -4.66
CA ALA C 150 7.84 -35.02 -4.94
C ALA C 150 9.09 -34.52 -5.67
N LEU C 151 8.86 -33.68 -6.65
CA LEU C 151 9.95 -33.01 -7.36
C LEU C 151 9.55 -31.62 -7.71
N GLY C 152 10.49 -30.79 -8.17
CA GLY C 152 10.16 -29.43 -8.50
C GLY C 152 11.26 -28.64 -9.16
N CYS C 153 10.99 -27.35 -9.28
CA CYS C 153 11.91 -26.38 -9.85
C CYS C 153 11.93 -25.17 -8.94
N LEU C 154 13.13 -24.71 -8.63
CA LEU C 154 13.33 -23.46 -7.91
C LEU C 154 13.60 -22.37 -8.93
N VAL C 155 12.76 -21.34 -8.95
CA VAL C 155 12.84 -20.23 -9.90
C VAL C 155 13.32 -19.02 -9.12
N LYS C 156 14.59 -18.72 -9.26
CA LYS C 156 15.23 -17.81 -8.37
C LYS C 156 15.73 -16.53 -9.05
N ASP C 157 15.57 -15.42 -8.35
CA ASP C 157 16.26 -14.15 -8.62
C ASP C 157 15.79 -13.45 -9.87
N TYR C 158 14.48 -13.15 -9.91
CA TYR C 158 13.92 -12.41 -11.03
C TYR C 158 13.21 -11.13 -10.60
N PHE C 159 13.03 -10.23 -11.55
CA PHE C 159 12.31 -8.97 -11.37
C PHE C 159 11.81 -8.43 -12.72
N PRO C 160 10.56 -7.90 -12.76
CA PRO C 160 9.51 -7.87 -11.76
C PRO C 160 8.65 -9.16 -11.85
N GLU C 161 7.58 -9.22 -11.09
N GLU C 161 7.59 -9.25 -11.05
CA GLU C 161 6.56 -10.23 -11.29
CA GLU C 161 6.55 -10.25 -11.27
C GLU C 161 5.84 -9.94 -12.61
C GLU C 161 5.84 -9.94 -12.58
N PRO C 162 5.21 -10.96 -13.22
CA PRO C 162 5.14 -12.36 -12.84
C PRO C 162 6.04 -13.28 -13.68
N VAL C 163 6.15 -14.52 -13.25
CA VAL C 163 6.71 -15.61 -14.04
C VAL C 163 5.55 -16.61 -14.18
N THR C 164 5.52 -17.40 -15.26
CA THR C 164 4.60 -18.55 -15.32
C THR C 164 5.43 -19.83 -15.36
N VAL C 165 4.91 -20.90 -14.74
CA VAL C 165 5.57 -22.20 -14.75
C VAL C 165 4.57 -23.23 -15.26
N SER C 166 4.99 -24.05 -16.18
CA SER C 166 4.23 -25.22 -16.49
C SER C 166 5.15 -26.41 -16.37
N TRP C 167 4.55 -27.59 -16.41
CA TRP C 167 5.27 -28.84 -16.41
C TRP C 167 4.95 -29.59 -17.65
N ASN C 168 5.99 -30.12 -18.28
CA ASN C 168 5.83 -30.90 -19.55
C ASN C 168 5.00 -30.20 -20.63
N SER C 169 5.33 -28.91 -20.78
CA SER C 169 4.71 -27.98 -21.73
C SER C 169 3.22 -27.82 -21.55
N GLY C 170 2.73 -28.10 -20.35
CA GLY C 170 1.31 -28.01 -20.01
C GLY C 170 0.51 -29.33 -20.13
N ALA C 171 1.22 -30.42 -20.39
CA ALA C 171 0.63 -31.73 -20.22
C ALA C 171 0.37 -32.16 -18.75
N LEU C 172 1.25 -31.77 -17.83
CA LEU C 172 1.20 -32.26 -16.46
C LEU C 172 0.60 -31.15 -15.61
N THR C 173 -0.62 -31.37 -15.12
CA THR C 173 -1.33 -30.38 -14.31
C THR C 173 -1.76 -30.95 -12.95
N SER C 174 -2.07 -32.24 -12.87
CA SER C 174 -2.46 -32.92 -11.62
C SER C 174 -1.32 -32.97 -10.57
N GLY C 175 -1.62 -32.52 -9.35
CA GLY C 175 -0.65 -32.55 -8.26
C GLY C 175 0.40 -31.46 -8.31
N VAL C 176 0.29 -30.50 -9.24
CA VAL C 176 1.18 -29.35 -9.33
C VAL C 176 0.79 -28.28 -8.33
N HIS C 177 1.78 -27.73 -7.62
CA HIS C 177 1.61 -26.53 -6.82
C HIS C 177 2.70 -25.54 -7.16
N THR C 178 2.30 -24.38 -7.67
CA THR C 178 3.24 -23.27 -7.89
C THR C 178 3.00 -22.22 -6.83
N PHE C 179 4.01 -22.00 -6.00
CA PHE C 179 3.88 -21.14 -4.83
C PHE C 179 3.91 -19.68 -5.24
N PRO C 180 3.18 -18.81 -4.50
CA PRO C 180 3.36 -17.37 -4.64
C PRO C 180 4.81 -17.00 -4.49
N ALA C 181 5.27 -16.08 -5.30
CA ALA C 181 6.59 -15.53 -5.16
C ALA C 181 6.80 -14.80 -3.86
N VAL C 182 8.03 -14.86 -3.36
CA VAL C 182 8.44 -14.08 -2.22
C VAL C 182 9.53 -13.11 -2.64
N LEU C 183 9.50 -11.91 -2.07
CA LEU C 183 10.54 -10.93 -2.32
C LEU C 183 11.68 -11.16 -1.32
N GLN C 184 12.86 -11.41 -1.85
CA GLN C 184 14.04 -11.69 -1.04
C GLN C 184 14.76 -10.41 -0.64
N SER C 185 15.72 -10.53 0.26
CA SER C 185 16.38 -9.35 0.78
C SER C 185 17.19 -8.59 -0.29
N SER C 186 17.55 -9.27 -1.36
CA SER C 186 18.22 -8.64 -2.52
C SER C 186 17.27 -7.75 -3.34
N GLY C 187 15.97 -7.86 -3.12
CA GLY C 187 15.01 -7.14 -3.93
C GLY C 187 14.58 -7.87 -5.19
N LEU C 188 14.96 -9.14 -5.29
CA LEU C 188 14.52 -10.02 -6.37
C LEU C 188 13.56 -11.06 -5.82
N TYR C 189 12.65 -11.50 -6.69
CA TYR C 189 11.69 -12.51 -6.38
C TYR C 189 12.23 -13.93 -6.56
N SER C 190 11.60 -14.86 -5.86
N SER C 190 11.59 -14.86 -5.86
CA SER C 190 11.87 -16.27 -6.04
CA SER C 190 11.92 -16.28 -5.93
C SER C 190 10.60 -17.03 -5.77
C SER C 190 10.64 -17.07 -5.70
N LEU C 191 10.48 -18.16 -6.42
CA LEU C 191 9.38 -19.08 -6.13
C LEU C 191 9.80 -20.51 -6.44
N SER C 192 9.02 -21.46 -5.97
CA SER C 192 9.19 -22.85 -6.35
C SER C 192 7.86 -23.38 -6.94
N SER C 193 7.99 -24.33 -7.82
CA SER C 193 6.87 -25.10 -8.33
C SER C 193 7.19 -26.56 -8.07
N VAL C 194 6.24 -27.28 -7.50
CA VAL C 194 6.43 -28.67 -7.16
C VAL C 194 5.31 -29.53 -7.74
N VAL C 195 5.60 -30.81 -7.90
CA VAL C 195 4.61 -31.78 -8.33
C VAL C 195 4.82 -33.10 -7.61
N THR C 196 3.74 -33.78 -7.26
CA THR C 196 3.82 -35.12 -6.75
C THR C 196 3.45 -36.08 -7.86
N VAL C 197 4.23 -37.14 -7.98
CA VAL C 197 4.06 -38.14 -9.02
C VAL C 197 4.31 -39.53 -8.42
N PRO C 198 3.84 -40.61 -9.11
CA PRO C 198 4.19 -41.96 -8.64
C PRO C 198 5.70 -42.17 -8.71
N SER C 199 6.29 -42.72 -7.65
CA SER C 199 7.73 -43.01 -7.65
C SER C 199 8.12 -43.95 -8.78
N SER C 200 7.21 -44.85 -9.19
CA SER C 200 7.47 -45.80 -10.30
C SER C 200 7.72 -45.11 -11.63
N SER C 201 7.08 -43.97 -11.86
CA SER C 201 7.27 -43.25 -13.11
C SER C 201 8.66 -42.55 -13.27
N LEU C 202 9.48 -42.49 -12.22
CA LEU C 202 10.71 -41.68 -12.25
C LEU C 202 11.77 -42.15 -13.23
N GLY C 203 11.91 -43.44 -13.42
CA GLY C 203 12.85 -43.93 -14.42
C GLY C 203 12.35 -43.80 -15.86
N THR C 204 11.04 -43.68 -16.03
CA THR C 204 10.34 -43.83 -17.31
C THR C 204 9.77 -42.54 -17.87
N GLN C 205 9.26 -41.69 -16.99
CA GLN C 205 8.62 -40.45 -17.39
C GLN C 205 9.61 -39.34 -17.16
N THR C 206 9.79 -38.50 -18.17
CA THR C 206 10.58 -37.31 -18.04
C THR C 206 9.70 -36.17 -17.50
N TYR C 207 10.33 -35.35 -16.66
CA TYR C 207 9.68 -34.20 -16.07
C TYR C 207 10.52 -32.97 -16.34
N ILE C 208 9.92 -32.00 -17.02
CA ILE C 208 10.56 -30.74 -17.39
C ILE C 208 9.70 -29.58 -16.94
N CYS C 209 10.27 -28.63 -16.22
CA CYS C 209 9.51 -27.42 -15.87
C CYS C 209 9.85 -26.32 -16.88
N ASN C 210 8.82 -25.62 -17.35
CA ASN C 210 8.92 -24.64 -18.42
C ASN C 210 8.65 -23.34 -17.75
N VAL C 211 9.65 -22.46 -17.76
CA VAL C 211 9.56 -21.18 -17.07
C VAL C 211 9.57 -20.04 -18.10
N ASN C 212 8.61 -19.12 -17.97
CA ASN C 212 8.52 -17.95 -18.86
C ASN C 212 8.47 -16.69 -18.02
N HIS C 213 9.40 -15.78 -18.29
CA HIS C 213 9.44 -14.47 -17.67
C HIS C 213 9.40 -13.49 -18.81
N LYS C 214 8.20 -13.05 -19.14
CA LYS C 214 8.02 -12.12 -20.25
C LYS C 214 8.73 -10.76 -20.08
N PRO C 215 8.78 -10.17 -18.86
CA PRO C 215 9.44 -8.88 -18.78
C PRO C 215 10.92 -8.86 -19.22
N SER C 216 11.62 -9.99 -19.08
CA SER C 216 13.01 -10.11 -19.55
C SER C 216 13.12 -10.94 -20.82
N ASN C 217 11.99 -11.32 -21.41
CA ASN C 217 11.98 -12.30 -22.51
C ASN C 217 12.77 -13.59 -22.28
N THR C 218 12.68 -14.12 -21.07
CA THR C 218 13.36 -15.34 -20.70
C THR C 218 12.37 -16.48 -20.79
N LYS C 219 12.77 -17.52 -21.52
CA LYS C 219 12.07 -18.79 -21.51
C LYS C 219 13.12 -19.85 -21.21
N VAL C 220 12.88 -20.67 -20.19
CA VAL C 220 13.82 -21.71 -19.79
C VAL C 220 13.07 -23.03 -19.58
N ASP C 221 13.64 -24.13 -20.06
CA ASP C 221 13.12 -25.48 -19.76
C ASP C 221 14.18 -26.19 -18.94
N LYS C 222 13.79 -26.74 -17.79
CA LYS C 222 14.73 -27.53 -16.98
C LYS C 222 14.23 -28.95 -16.74
N LYS C 223 15.01 -29.93 -17.19
CA LYS C 223 14.75 -31.35 -16.91
C LYS C 223 15.06 -31.60 -15.43
N VAL C 224 14.17 -32.29 -14.73
CA VAL C 224 14.35 -32.60 -13.32
C VAL C 224 14.46 -34.10 -13.22
N GLU C 225 15.63 -34.59 -12.85
CA GLU C 225 15.85 -36.02 -12.73
C GLU C 225 16.38 -36.38 -11.36
N PRO C 226 16.29 -37.68 -10.98
CA PRO C 226 16.79 -38.21 -9.70
C PRO C 226 18.28 -37.85 -9.41
N LYS C 227 18.59 -37.68 -8.12
CA LYS C 227 19.98 -37.57 -7.62
C LYS C 227 20.76 -36.38 -8.20
N ASP D 1 -19.70 9.67 -3.55
CA ASP D 1 -20.35 9.71 -2.21
C ASP D 1 -20.73 8.32 -1.67
N ILE D 2 -21.22 7.41 -2.53
CA ILE D 2 -21.78 6.12 -2.07
C ILE D 2 -20.72 5.25 -1.40
N GLN D 3 -20.96 4.83 -0.15
CA GLN D 3 -20.08 3.87 0.57
C GLN D 3 -20.73 2.51 0.75
N MET D 4 -19.91 1.45 0.62
CA MET D 4 -20.33 0.04 0.70
C MET D 4 -19.53 -0.62 1.82
N THR D 5 -20.20 -1.14 2.84
CA THR D 5 -19.53 -1.87 3.95
C THR D 5 -19.93 -3.33 3.96
N GLN D 6 -18.99 -4.25 3.77
CA GLN D 6 -19.25 -5.71 3.78
C GLN D 6 -18.90 -6.38 5.08
N SER D 7 -19.76 -7.29 5.52
CA SER D 7 -19.61 -8.01 6.78
C SER D 7 -19.94 -9.49 6.59
N PRO D 8 -19.13 -10.40 7.15
CA PRO D 8 -17.86 -10.16 7.82
C PRO D 8 -16.75 -9.91 6.79
N SER D 9 -15.54 -9.55 7.21
CA SER D 9 -14.45 -9.45 6.26
C SER D 9 -13.92 -10.85 5.80
N SER D 10 -14.09 -11.87 6.64
CA SER D 10 -13.79 -13.24 6.24
C SER D 10 -14.57 -14.21 7.07
N LEU D 11 -14.68 -15.43 6.55
CA LEU D 11 -15.31 -16.49 7.30
C LEU D 11 -14.81 -17.84 6.82
N SER D 12 -14.99 -18.81 7.69
CA SER D 12 -14.65 -20.19 7.47
C SER D 12 -15.93 -20.95 7.73
N ALA D 13 -16.36 -21.77 6.77
CA ALA D 13 -17.57 -22.55 6.96
C ALA D 13 -17.38 -23.92 6.31
N SER D 14 -18.12 -24.88 6.81
CA SER D 14 -18.02 -26.25 6.36
C SER D 14 -18.79 -26.47 5.06
N VAL D 15 -18.42 -27.51 4.33
CA VAL D 15 -19.13 -27.86 3.11
C VAL D 15 -20.56 -28.19 3.51
N GLY D 16 -21.53 -27.65 2.77
CA GLY D 16 -22.92 -27.90 3.07
C GLY D 16 -23.55 -26.81 3.93
N ASP D 17 -22.74 -25.94 4.54
CA ASP D 17 -23.25 -24.86 5.38
C ASP D 17 -23.91 -23.77 4.58
N ARG D 18 -24.90 -23.10 5.19
CA ARG D 18 -25.51 -21.90 4.63
C ARG D 18 -24.64 -20.72 5.02
N VAL D 19 -24.19 -19.95 4.03
CA VAL D 19 -23.31 -18.80 4.29
C VAL D 19 -24.02 -17.52 3.86
N THR D 20 -24.00 -16.49 4.70
CA THR D 20 -24.64 -15.20 4.40
C THR D 20 -23.61 -14.09 4.54
N ILE D 21 -23.45 -13.29 3.49
CA ILE D 21 -22.58 -12.13 3.47
C ILE D 21 -23.48 -10.92 3.32
N THR D 22 -23.18 -9.86 4.05
CA THR D 22 -23.99 -8.63 4.04
C THR D 22 -23.19 -7.46 3.47
N CYS D 23 -23.87 -6.57 2.77
CA CYS D 23 -23.34 -5.34 2.25
C CYS D 23 -24.31 -4.23 2.66
N ARG D 24 -23.77 -3.18 3.27
CA ARG D 24 -24.54 -2.03 3.76
C ARG D 24 -24.11 -0.73 3.09
N THR D 25 -25.06 -0.11 2.37
CA THR D 25 -24.78 1.11 1.61
C THR D 25 -25.07 2.34 2.43
N SER D 26 -24.59 3.50 1.96
CA SER D 26 -25.06 4.79 2.46
C SER D 26 -25.33 5.76 1.31
N SER D 30 -30.34 3.96 -4.75
CA SER D 30 -30.38 2.82 -5.68
C SER D 30 -30.45 1.46 -4.97
N SER D 31 -31.23 0.56 -5.55
CA SER D 31 -31.27 -0.84 -5.13
C SER D 31 -30.41 -1.78 -6.03
N TYR D 32 -29.63 -1.20 -6.96
CA TYR D 32 -28.83 -2.00 -7.89
C TYR D 32 -27.42 -2.25 -7.37
N THR D 33 -27.41 -3.16 -6.41
CA THR D 33 -26.20 -3.74 -5.88
C THR D 33 -25.86 -4.99 -6.70
N HIS D 34 -24.58 -5.11 -7.08
CA HIS D 34 -24.08 -6.27 -7.83
C HIS D 34 -23.08 -6.98 -6.96
N TRP D 35 -22.91 -8.28 -7.23
CA TRP D 35 -21.91 -9.09 -6.52
C TRP D 35 -21.00 -9.83 -7.49
N TYR D 36 -19.75 -9.96 -7.07
CA TYR D 36 -18.69 -10.60 -7.85
C TYR D 36 -18.03 -11.65 -7.00
N GLN D 37 -17.55 -12.71 -7.69
CA GLN D 37 -16.75 -13.73 -7.09
C GLN D 37 -15.39 -13.71 -7.75
N GLN D 38 -14.33 -13.74 -6.95
CA GLN D 38 -12.98 -13.76 -7.48
C GLN D 38 -12.17 -14.91 -6.88
N LYS D 39 -11.69 -15.78 -7.77
CA LYS D 39 -10.88 -16.94 -7.42
C LYS D 39 -9.42 -16.58 -7.68
N PRO D 40 -8.46 -17.29 -7.06
CA PRO D 40 -7.05 -16.94 -7.15
C PRO D 40 -6.50 -16.88 -8.57
N GLY D 41 -5.81 -15.79 -8.89
CA GLY D 41 -5.25 -15.57 -10.22
C GLY D 41 -6.21 -15.21 -11.33
N LYS D 42 -7.46 -14.91 -11.01
CA LYS D 42 -8.48 -14.67 -12.01
C LYS D 42 -9.11 -13.31 -11.79
N ALA D 43 -9.69 -12.74 -12.84
CA ALA D 43 -10.51 -11.54 -12.70
C ALA D 43 -11.77 -11.88 -11.93
N PRO D 44 -12.40 -10.88 -11.28
CA PRO D 44 -13.68 -11.08 -10.67
C PRO D 44 -14.67 -11.49 -11.77
N LYS D 45 -15.69 -12.26 -11.37
CA LYS D 45 -16.72 -12.72 -12.26
C LYS D 45 -18.04 -12.23 -11.67
N LEU D 46 -18.91 -11.69 -12.51
CA LEU D 46 -20.23 -11.26 -12.08
C LEU D 46 -21.02 -12.48 -11.58
N LEU D 47 -21.47 -12.41 -10.35
CA LEU D 47 -22.21 -13.49 -9.73
C LEU D 47 -23.72 -13.19 -9.64
N ILE D 48 -24.02 -12.01 -9.13
CA ILE D 48 -25.41 -11.56 -8.96
C ILE D 48 -25.48 -10.14 -9.48
N TYR D 49 -26.53 -9.81 -10.21
CA TYR D 49 -26.72 -8.42 -10.59
C TYR D 49 -28.12 -7.95 -10.21
N ALA D 50 -28.23 -6.64 -10.00
CA ALA D 50 -29.47 -5.95 -9.60
C ALA D 50 -30.10 -6.61 -8.38
N ALA D 51 -29.27 -6.74 -7.35
CA ALA D 51 -29.62 -7.32 -6.05
C ALA D 51 -29.86 -8.84 -6.06
N SER D 52 -30.61 -9.37 -7.04
CA SER D 52 -31.09 -10.76 -6.95
C SER D 52 -30.99 -11.65 -8.21
N SER D 53 -30.55 -11.13 -9.35
CA SER D 53 -30.50 -11.91 -10.62
C SER D 53 -29.20 -12.63 -10.73
N ARG D 54 -29.27 -13.93 -11.03
CA ARG D 54 -28.05 -14.74 -11.19
C ARG D 54 -27.34 -14.45 -12.51
N GLY D 55 -26.02 -14.34 -12.45
CA GLY D 55 -25.19 -14.09 -13.63
C GLY D 55 -25.11 -15.35 -14.47
N SER D 56 -24.56 -15.21 -15.68
CA SER D 56 -24.38 -16.31 -16.62
C SER D 56 -23.51 -17.39 -16.02
N GLY D 57 -23.99 -18.63 -16.09
CA GLY D 57 -23.28 -19.80 -15.55
C GLY D 57 -23.18 -19.89 -14.03
N VAL D 58 -24.03 -19.14 -13.31
CA VAL D 58 -23.98 -19.11 -11.86
C VAL D 58 -25.01 -20.12 -11.33
N PRO D 59 -24.60 -21.06 -10.48
CA PRO D 59 -25.58 -22.07 -9.98
C PRO D 59 -26.61 -21.54 -8.96
N SER D 60 -27.68 -22.31 -8.76
CA SER D 60 -28.85 -21.85 -7.98
C SER D 60 -28.58 -21.72 -6.48
N ARG D 61 -27.49 -22.32 -5.96
CA ARG D 61 -27.14 -22.15 -4.58
C ARG D 61 -26.75 -20.69 -4.20
N PHE D 62 -26.35 -19.88 -5.18
CA PHE D 62 -26.13 -18.43 -4.98
C PHE D 62 -27.43 -17.68 -5.15
N SER D 63 -27.77 -16.85 -4.19
CA SER D 63 -28.93 -15.96 -4.35
C SER D 63 -28.64 -14.64 -3.62
N GLY D 64 -29.39 -13.61 -4.01
CA GLY D 64 -29.15 -12.27 -3.52
C GLY D 64 -30.47 -11.70 -3.12
N SER D 65 -30.44 -10.83 -2.11
CA SER D 65 -31.63 -10.23 -1.56
C SER D 65 -31.29 -8.81 -1.08
N GLY D 66 -32.28 -7.93 -1.03
CA GLY D 66 -31.99 -6.56 -0.69
C GLY D 66 -33.21 -5.84 -0.23
N SER D 67 -33.02 -4.90 0.70
CA SER D 67 -34.02 -3.86 0.88
C SER D 67 -33.42 -2.70 1.64
N GLY D 68 -33.93 -1.51 1.33
CA GLY D 68 -33.37 -0.27 1.82
C GLY D 68 -31.88 -0.28 1.52
N THR D 69 -31.09 -0.18 2.58
CA THR D 69 -29.62 -0.13 2.49
C THR D 69 -28.91 -1.47 2.75
N ASP D 70 -29.63 -2.54 3.06
CA ASP D 70 -29.02 -3.82 3.42
C ASP D 70 -29.19 -4.82 2.29
N PHE D 71 -28.09 -5.34 1.77
CA PHE D 71 -28.08 -6.34 0.70
C PHE D 71 -27.36 -7.57 1.19
N THR D 72 -27.86 -8.75 0.80
CA THR D 72 -27.29 -9.99 1.25
C THR D 72 -27.03 -10.90 0.08
N LEU D 73 -25.90 -11.60 0.16
CA LEU D 73 -25.54 -12.69 -0.75
C LEU D 73 -25.58 -13.96 0.08
N THR D 74 -26.34 -14.95 -0.40
CA THR D 74 -26.46 -16.22 0.32
C THR D 74 -25.98 -17.38 -0.53
N ILE D 75 -25.13 -18.23 0.04
CA ILE D 75 -24.79 -19.52 -0.54
C ILE D 75 -25.55 -20.54 0.30
N SER D 76 -26.52 -21.19 -0.33
CA SER D 76 -27.43 -22.06 0.40
C SER D 76 -26.73 -23.28 0.98
N SER D 77 -25.69 -23.75 0.28
CA SER D 77 -24.98 -24.96 0.65
C SER D 77 -23.57 -24.86 0.07
N LEU D 78 -22.63 -24.51 0.92
CA LEU D 78 -21.29 -24.19 0.51
C LEU D 78 -20.56 -25.39 -0.12
N GLN D 79 -19.91 -25.18 -1.26
CA GLN D 79 -19.16 -26.24 -1.92
C GLN D 79 -17.68 -25.88 -1.90
N PRO D 80 -16.81 -26.90 -1.98
CA PRO D 80 -15.36 -26.61 -1.98
C PRO D 80 -14.90 -25.58 -3.03
N GLU D 81 -15.54 -25.59 -4.19
CA GLU D 81 -15.16 -24.67 -5.28
C GLU D 81 -15.58 -23.22 -5.03
N ASP D 82 -16.38 -22.97 -3.99
CA ASP D 82 -16.81 -21.61 -3.65
C ASP D 82 -15.79 -20.82 -2.83
N PHE D 83 -14.66 -21.44 -2.52
CA PHE D 83 -13.49 -20.72 -2.04
C PHE D 83 -13.20 -19.55 -2.99
N ALA D 84 -13.31 -18.33 -2.44
CA ALA D 84 -13.16 -17.12 -3.22
C ALA D 84 -13.25 -15.88 -2.30
N THR D 85 -12.90 -14.72 -2.85
CA THR D 85 -13.35 -13.44 -2.30
C THR D 85 -14.58 -12.89 -3.04
N TYR D 86 -15.58 -12.49 -2.27
CA TYR D 86 -16.83 -11.96 -2.77
C TYR D 86 -16.91 -10.45 -2.49
N TYR D 87 -17.25 -9.65 -3.51
CA TYR D 87 -17.33 -8.17 -3.46
C TYR D 87 -18.70 -7.74 -3.85
N CYS D 88 -19.25 -6.76 -3.14
CA CYS D 88 -20.43 -6.07 -3.59
C CYS D 88 -20.03 -4.78 -4.29
N GLN D 89 -20.97 -4.19 -5.02
CA GLN D 89 -20.71 -3.00 -5.81
C GLN D 89 -21.99 -2.24 -6.10
N GLN D 90 -21.90 -0.92 -6.05
CA GLN D 90 -22.93 -0.02 -6.56
C GLN D 90 -22.24 1.14 -7.23
N SER D 91 -22.71 1.50 -8.41
CA SER D 91 -22.16 2.59 -9.17
C SER D 91 -20.65 2.41 -9.28
N ARG D 92 -19.83 3.38 -8.87
CA ARG D 92 -18.38 3.26 -9.00
C ARG D 92 -17.69 2.72 -7.76
N THR D 93 -18.45 2.26 -6.76
CA THR D 93 -17.86 1.85 -5.48
C THR D 93 -17.94 0.34 -5.27
N PHE D 94 -16.82 -0.24 -4.84
CA PHE D 94 -16.80 -1.62 -4.40
C PHE D 94 -16.69 -1.71 -2.88
N GLY D 95 -17.28 -2.75 -2.32
CA GLY D 95 -17.06 -3.13 -0.94
C GLY D 95 -15.64 -3.67 -0.81
N GLN D 96 -15.20 -3.84 0.43
CA GLN D 96 -13.84 -4.29 0.73
C GLN D 96 -13.60 -5.81 0.53
N GLY D 97 -14.66 -6.59 0.32
CA GLY D 97 -14.53 -8.01 0.08
C GLY D 97 -14.73 -8.86 1.31
N THR D 98 -15.24 -10.07 1.09
CA THR D 98 -15.38 -11.09 2.09
C THR D 98 -14.68 -12.34 1.57
N LYS D 99 -13.63 -12.79 2.27
CA LYS D 99 -12.91 -14.01 1.96
C LYS D 99 -13.59 -15.21 2.58
N VAL D 100 -14.04 -16.14 1.75
CA VAL D 100 -14.73 -17.36 2.20
C VAL D 100 -13.71 -18.50 2.11
N GLU D 101 -13.40 -19.08 3.27
CA GLU D 101 -12.55 -20.26 3.42
C GLU D 101 -13.47 -21.44 3.73
N ILE D 102 -13.05 -22.61 3.28
CA ILE D 102 -13.72 -23.87 3.58
C ILE D 102 -13.07 -24.52 4.80
N LYS D 103 -13.89 -24.79 5.80
CA LYS D 103 -13.51 -25.56 6.96
C LYS D 103 -13.69 -27.03 6.65
N ARG D 104 -12.66 -27.83 6.85
CA ARG D 104 -12.72 -29.29 6.62
C ARG D 104 -12.00 -30.02 7.77
N THR D 105 -11.93 -31.35 7.70
CA THR D 105 -11.25 -32.14 8.69
C THR D 105 -9.73 -31.88 8.62
N VAL D 106 -9.06 -32.16 9.74
CA VAL D 106 -7.62 -32.00 9.82
C VAL D 106 -6.94 -32.96 8.83
N ALA D 107 -5.86 -32.52 8.21
CA ALA D 107 -5.12 -33.35 7.26
C ALA D 107 -3.66 -33.05 7.47
N ALA D 108 -2.88 -34.06 7.78
CA ALA D 108 -1.46 -33.83 8.09
C ALA D 108 -0.68 -33.62 6.80
N PRO D 109 0.33 -32.76 6.85
CA PRO D 109 1.16 -32.61 5.65
C PRO D 109 2.01 -33.84 5.34
N SER D 110 2.25 -34.09 4.07
CA SER D 110 3.35 -34.95 3.62
C SER D 110 4.55 -34.04 3.51
N VAL D 111 5.68 -34.43 4.11
CA VAL D 111 6.86 -33.57 4.21
C VAL D 111 7.99 -34.13 3.36
N PHE D 112 8.66 -33.24 2.61
CA PHE D 112 9.78 -33.57 1.73
C PHE D 112 10.87 -32.53 1.91
N ILE D 113 12.12 -32.96 1.85
CA ILE D 113 13.23 -32.03 1.93
C ILE D 113 14.05 -32.19 0.67
N PHE D 114 14.56 -31.09 0.16
CA PHE D 114 15.36 -31.06 -1.05
C PHE D 114 16.68 -30.36 -0.79
N PRO D 115 17.80 -31.07 -1.02
CA PRO D 115 19.07 -30.35 -0.92
C PRO D 115 19.25 -29.36 -2.09
N PRO D 116 20.23 -28.45 -1.97
CA PRO D 116 20.54 -27.59 -3.11
C PRO D 116 21.14 -28.39 -4.25
N SER D 117 20.83 -27.99 -5.48
CA SER D 117 21.36 -28.68 -6.64
C SER D 117 22.83 -28.32 -6.78
N ASP D 118 23.61 -29.23 -7.37
CA ASP D 118 25.00 -28.93 -7.68
C ASP D 118 25.11 -27.70 -8.58
N GLU D 119 24.18 -27.58 -9.52
CA GLU D 119 24.14 -26.44 -10.43
C GLU D 119 24.08 -25.13 -9.65
N GLN D 120 23.17 -25.07 -8.68
CA GLN D 120 23.07 -23.87 -7.86
C GLN D 120 24.34 -23.61 -7.04
N LEU D 121 24.92 -24.65 -6.47
CA LEU D 121 26.14 -24.48 -5.62
C LEU D 121 27.28 -23.79 -6.34
N LYS D 122 27.42 -24.13 -7.61
CA LYS D 122 28.36 -23.48 -8.50
C LYS D 122 28.20 -21.95 -8.63
N SER D 123 26.99 -21.43 -8.43
CA SER D 123 26.75 -19.98 -8.39
C SER D 123 27.16 -19.27 -7.08
N GLY D 124 27.50 -20.01 -6.01
CA GLY D 124 27.85 -19.42 -4.70
C GLY D 124 26.76 -19.32 -3.65
N THR D 125 25.56 -19.80 -3.96
CA THR D 125 24.43 -19.83 -2.99
C THR D 125 23.86 -21.22 -2.93
N ALA D 126 23.22 -21.54 -1.80
CA ALA D 126 22.63 -22.83 -1.52
C ALA D 126 21.25 -22.56 -0.95
N SER D 127 20.21 -23.09 -1.63
CA SER D 127 18.86 -23.05 -1.14
C SER D 127 18.47 -24.47 -0.75
N VAL D 128 17.92 -24.64 0.46
CA VAL D 128 17.40 -25.91 0.92
C VAL D 128 15.91 -25.69 1.04
N VAL D 129 15.12 -26.60 0.49
CA VAL D 129 13.67 -26.43 0.44
C VAL D 129 13.00 -27.52 1.25
N CYS D 130 12.01 -27.12 2.04
CA CYS D 130 11.16 -28.03 2.75
C CYS D 130 9.73 -27.84 2.23
N LEU D 131 9.07 -28.93 1.83
CA LEU D 131 7.72 -28.90 1.27
C LEU D 131 6.77 -29.59 2.21
N LEU D 132 5.68 -28.92 2.56
CA LEU D 132 4.58 -29.52 3.31
C LEU D 132 3.41 -29.59 2.32
N ASN D 133 2.97 -30.79 1.97
CA ASN D 133 1.98 -30.92 0.91
C ASN D 133 0.61 -31.35 1.41
N ASN D 134 -0.42 -30.65 0.93
CA ASN D 134 -1.81 -31.00 1.12
C ASN D 134 -2.29 -31.17 2.59
N PHE D 135 -2.27 -30.08 3.35
CA PHE D 135 -2.60 -30.10 4.76
C PHE D 135 -3.73 -29.13 5.08
N TYR D 136 -4.31 -29.35 6.25
CA TYR D 136 -5.36 -28.47 6.78
C TYR D 136 -5.34 -28.62 8.31
N PRO D 137 -5.40 -27.51 9.08
CA PRO D 137 -5.62 -26.12 8.70
C PRO D 137 -4.30 -25.48 8.26
N ARG D 138 -4.37 -24.19 7.90
N ARG D 138 -4.39 -24.23 7.84
CA ARG D 138 -3.20 -23.43 7.36
CA ARG D 138 -3.24 -23.46 7.31
C ARG D 138 -2.05 -23.30 8.35
C ARG D 138 -2.07 -23.31 8.33
N GLU D 139 -2.36 -23.24 9.63
CA GLU D 139 -1.30 -23.01 10.66
C GLU D 139 -0.32 -24.20 10.74
N ALA D 140 0.95 -23.93 10.60
CA ALA D 140 1.99 -24.96 10.68
C ALA D 140 3.25 -24.29 11.16
N LYS D 141 4.09 -25.03 11.86
CA LYS D 141 5.36 -24.52 12.33
C LYS D 141 6.43 -25.33 11.63
N VAL D 142 7.38 -24.65 11.00
CA VAL D 142 8.46 -25.30 10.30
C VAL D 142 9.75 -24.72 10.84
N GLN D 143 10.63 -25.57 11.35
CA GLN D 143 11.88 -25.13 11.98
C GLN D 143 13.02 -25.79 11.27
N TRP D 144 14.05 -25.00 10.99
CA TRP D 144 15.24 -25.51 10.34
C TRP D 144 16.31 -25.78 11.39
N LYS D 145 16.96 -26.93 11.26
CA LYS D 145 18.12 -27.25 12.10
C LYS D 145 19.30 -27.64 11.22
N VAL D 146 20.45 -27.06 11.51
CA VAL D 146 21.66 -27.32 10.76
C VAL D 146 22.63 -27.85 11.82
N ASP D 147 23.12 -29.09 11.67
CA ASP D 147 23.93 -29.77 12.71
C ASP D 147 23.28 -29.62 14.08
N ASN D 148 21.96 -29.81 14.09
CA ASN D 148 21.11 -29.64 15.24
C ASN D 148 20.97 -28.24 15.87
N ALA D 149 21.49 -27.19 15.23
CA ALA D 149 21.33 -25.83 15.73
C ALA D 149 20.10 -25.21 15.07
N LEU D 150 19.14 -24.75 15.90
CA LEU D 150 17.93 -24.08 15.38
C LEU D 150 18.33 -22.82 14.61
N GLN D 151 17.81 -22.66 13.41
CA GLN D 151 18.13 -21.52 12.55
C GLN D 151 17.12 -20.44 12.73
N SER D 152 17.57 -19.20 12.61
CA SER D 152 16.69 -18.07 12.72
C SER D 152 17.09 -17.01 11.70
N GLY D 153 16.11 -16.42 11.03
CA GLY D 153 16.35 -15.25 10.18
C GLY D 153 16.95 -15.51 8.82
N ASN D 154 17.02 -16.77 8.40
CA ASN D 154 17.57 -17.12 7.08
C ASN D 154 16.64 -18.03 6.29
N SER D 155 15.35 -18.02 6.60
CA SER D 155 14.38 -18.74 5.80
C SER D 155 13.12 -17.93 5.48
N GLN D 156 12.44 -18.31 4.41
CA GLN D 156 11.19 -17.64 3.97
C GLN D 156 10.15 -18.71 3.63
N GLU D 157 8.89 -18.43 3.90
CA GLU D 157 7.82 -19.36 3.64
C GLU D 157 6.89 -18.80 2.58
N SER D 158 6.27 -19.72 1.84
CA SER D 158 5.20 -19.34 0.92
C SER D 158 4.11 -20.38 1.06
N VAL D 159 2.87 -19.94 0.96
CA VAL D 159 1.74 -20.86 1.08
C VAL D 159 0.80 -20.65 -0.11
N THR D 160 0.24 -21.75 -0.59
CA THR D 160 -0.73 -21.70 -1.65
C THR D 160 -2.07 -21.24 -1.09
N GLU D 161 -2.93 -20.82 -2.00
CA GLU D 161 -4.32 -20.61 -1.66
C GLU D 161 -5.00 -21.98 -1.51
N GLN D 162 -6.13 -21.99 -0.83
CA GLN D 162 -6.85 -23.20 -0.54
C GLN D 162 -7.25 -23.88 -1.84
N ASP D 163 -7.08 -25.21 -1.90
CA ASP D 163 -7.34 -25.96 -3.10
C ASP D 163 -8.82 -26.01 -3.35
N SER D 164 -9.26 -25.83 -4.59
CA SER D 164 -10.71 -25.76 -4.88
C SER D 164 -11.41 -27.12 -4.87
N LYS D 165 -10.66 -28.23 -4.83
CA LYS D 165 -11.26 -29.57 -4.78
C LYS D 165 -11.23 -30.19 -3.39
N ASP D 166 -10.05 -30.21 -2.74
CA ASP D 166 -9.91 -30.86 -1.42
C ASP D 166 -9.72 -29.91 -0.24
N SER D 167 -9.70 -28.62 -0.51
CA SER D 167 -9.70 -27.55 0.51
C SER D 167 -8.45 -27.57 1.39
N THR D 168 -7.34 -28.10 0.88
CA THR D 168 -6.06 -28.13 1.60
C THR D 168 -5.10 -27.02 1.16
N TYR D 169 -4.00 -26.89 1.89
CA TYR D 169 -2.92 -25.94 1.61
C TYR D 169 -1.64 -26.69 1.40
N SER D 170 -0.71 -26.06 0.69
CA SER D 170 0.65 -26.56 0.65
C SER D 170 1.56 -25.39 1.00
N LEU D 171 2.74 -25.71 1.51
CA LEU D 171 3.67 -24.70 2.02
C LEU D 171 5.08 -25.09 1.69
N SER D 172 5.90 -24.10 1.31
CA SER D 172 7.34 -24.27 1.15
C SER D 172 8.07 -23.39 2.15
N SER D 173 9.16 -23.90 2.70
CA SER D 173 10.07 -23.10 3.48
C SER D 173 11.43 -23.28 2.86
N THR D 174 12.12 -22.18 2.62
CA THR D 174 13.38 -22.19 1.94
C THR D 174 14.41 -21.53 2.85
N LEU D 175 15.46 -22.27 3.14
CA LEU D 175 16.58 -21.81 3.90
C LEU D 175 17.66 -21.42 2.93
N THR D 176 18.17 -20.20 3.02
CA THR D 176 19.17 -19.72 2.09
C THR D 176 20.47 -19.45 2.84
N LEU D 177 21.56 -20.03 2.32
CA LEU D 177 22.89 -19.96 2.88
C LEU D 177 23.84 -19.66 1.75
N SER D 178 24.97 -19.05 2.06
CA SER D 178 26.04 -19.01 1.09
C SER D 178 26.51 -20.46 0.87
N LYS D 179 27.22 -20.66 -0.26
CA LYS D 179 27.86 -21.95 -0.52
C LYS D 179 28.86 -22.25 0.61
N ALA D 180 29.66 -21.28 1.03
CA ALA D 180 30.69 -21.57 2.08
C ALA D 180 30.03 -22.03 3.37
N ASP D 181 28.92 -21.40 3.76
CA ASP D 181 28.21 -21.79 4.97
C ASP D 181 27.56 -23.16 4.82
N TYR D 182 26.96 -23.44 3.67
CA TYR D 182 26.41 -24.76 3.40
C TYR D 182 27.48 -25.85 3.56
N GLU D 183 28.65 -25.62 2.97
CA GLU D 183 29.74 -26.59 2.97
C GLU D 183 30.40 -26.79 4.34
N LYS D 184 30.18 -25.87 5.29
CA LYS D 184 30.71 -25.98 6.65
C LYS D 184 29.85 -26.82 7.60
N HIS D 185 28.71 -27.35 7.16
CA HIS D 185 27.88 -28.22 8.02
C HIS D 185 27.48 -29.50 7.29
N LYS D 186 26.95 -30.47 8.06
CA LYS D 186 26.60 -31.79 7.53
C LYS D 186 25.11 -32.08 7.51
N VAL D 187 24.44 -31.96 8.65
CA VAL D 187 23.08 -32.43 8.79
C VAL D 187 22.10 -31.28 8.60
N TYR D 188 21.18 -31.41 7.64
CA TYR D 188 20.17 -30.40 7.37
C TYR D 188 18.82 -31.03 7.65
N ALA D 189 18.02 -30.38 8.49
CA ALA D 189 16.77 -30.98 8.96
C ALA D 189 15.67 -29.94 8.98
N CYS D 190 14.49 -30.39 8.56
CA CYS D 190 13.28 -29.63 8.51
C CYS D 190 12.37 -30.29 9.54
N GLU D 191 11.94 -29.56 10.57
CA GLU D 191 11.07 -30.14 11.62
C GLU D 191 9.70 -29.46 11.56
N VAL D 192 8.64 -30.26 11.43
CA VAL D 192 7.31 -29.75 11.16
C VAL D 192 6.35 -30.12 12.30
N THR D 193 5.67 -29.11 12.85
CA THR D 193 4.61 -29.25 13.81
C THR D 193 3.28 -28.80 13.20
N HIS D 194 2.28 -29.66 13.31
CA HIS D 194 0.99 -29.42 12.68
C HIS D 194 -0.06 -30.21 13.44
N GLN D 195 -1.23 -29.63 13.61
CA GLN D 195 -2.33 -30.25 14.34
C GLN D 195 -2.76 -31.66 13.86
N GLY D 196 -2.53 -31.94 12.59
CA GLY D 196 -2.73 -33.27 12.02
C GLY D 196 -1.70 -34.32 12.36
N LEU D 197 -0.58 -33.93 12.93
CA LEU D 197 0.45 -34.86 13.35
C LEU D 197 0.42 -35.00 14.88
N SER D 198 0.56 -36.24 15.34
CA SER D 198 0.53 -36.50 16.80
C SER D 198 1.84 -36.05 17.47
N SER D 199 2.90 -35.94 16.71
CA SER D 199 4.15 -35.36 17.22
C SER D 199 4.91 -34.87 16.02
N PRO D 200 5.96 -34.04 16.24
CA PRO D 200 6.56 -33.39 15.08
C PRO D 200 7.23 -34.37 14.12
N VAL D 201 7.25 -34.01 12.84
CA VAL D 201 7.89 -34.82 11.82
C VAL D 201 9.17 -34.12 11.37
N THR D 202 10.28 -34.86 11.32
CA THR D 202 11.54 -34.34 10.83
C THR D 202 12.00 -35.10 9.56
N LYS D 203 12.36 -34.34 8.54
CA LYS D 203 13.03 -34.89 7.35
C LYS D 203 14.40 -34.25 7.29
N SER D 204 15.39 -35.05 6.97
CA SER D 204 16.73 -34.51 6.91
C SER D 204 17.55 -35.24 5.87
N PHE D 205 18.69 -34.65 5.52
CA PHE D 205 19.70 -35.29 4.71
C PHE D 205 21.08 -34.90 5.26
N ASN D 206 22.09 -35.67 4.87
CA ASN D 206 23.49 -35.31 5.11
C ASN D 206 24.11 -34.82 3.83
N ARG D 207 24.74 -33.64 3.89
CA ARG D 207 25.37 -33.08 2.72
C ARG D 207 26.42 -34.09 2.19
N GLY D 208 26.36 -34.38 0.90
CA GLY D 208 27.28 -35.33 0.26
C GLY D 208 26.76 -36.74 0.09
N GLU D 209 25.80 -37.17 0.92
CA GLU D 209 25.32 -38.57 0.83
C GLU D 209 24.40 -38.78 -0.37
P PO4 E . 2.02 24.58 5.54
O1 PO4 E . 1.62 26.01 5.41
O2 PO4 E . 3.30 24.35 4.75
O3 PO4 E . 0.92 23.67 4.99
O4 PO4 E . 2.24 24.31 7.01
P PO4 F . -11.03 -4.32 23.95
O1 PO4 F . -10.50 -2.94 23.69
O2 PO4 F . -12.52 -4.33 23.68
O3 PO4 F . -10.76 -4.71 25.39
O4 PO4 F . -10.32 -5.29 23.01
P PO4 G . -23.59 5.18 -12.54
O1 PO4 G . -24.28 5.38 -13.87
O2 PO4 G . -22.41 6.14 -12.41
O3 PO4 G . -23.07 3.77 -12.42
O4 PO4 G . -24.59 5.42 -11.43
#